data_3IPR
#
_entry.id   3IPR
#
_cell.length_a   175.680
_cell.length_b   69.400
_cell.length_c   80.220
_cell.angle_alpha   90.000
_cell.angle_beta   106.530
_cell.angle_gamma   90.000
#
_symmetry.space_group_name_H-M   'C 1 2 1'
#
loop_
_entity.id
_entity.type
_entity.pdbx_description
1 polymer 'PTS system, IIA component'
2 non-polymer 'CALCIUM ION'
3 water water
#
_entity_poly.entity_id   1
_entity_poly.type   'polypeptide(L)'
_entity_poly.pdbx_seq_one_letter_code
;MLGIVIATHGALSDGAKDAATVIMGATENIETVNLNSGDDVQALGGQIKTAIENVQQGDGVLVMVDLLSASPYNQAVLVI
NELEPALQKKIFVVSGTNLPMVLEAINHQLLGTPIAEAAQAIVAQGKESVQAWDISMTSFEDEEDEDDDF
;
_entity_poly.pdbx_strand_id   A,B,C,D,E,F
#
loop_
_chem_comp.id
_chem_comp.type
_chem_comp.name
_chem_comp.formula
CA non-polymer 'CALCIUM ION' 'Ca 2'
#
# COMPACT_ATOMS: atom_id res chain seq x y z
N MET A 1 -23.99 4.23 13.81
CA MET A 1 -24.63 3.99 12.48
C MET A 1 -23.63 3.35 11.51
N LEU A 2 -24.15 2.53 10.61
CA LEU A 2 -23.33 1.87 9.60
C LEU A 2 -22.53 2.88 8.77
N GLY A 3 -21.25 2.60 8.54
CA GLY A 3 -20.42 3.49 7.76
C GLY A 3 -20.31 3.00 6.31
N ILE A 4 -20.19 3.94 5.39
CA ILE A 4 -20.06 3.59 4.00
C ILE A 4 -18.89 4.34 3.38
N VAL A 5 -18.05 3.61 2.66
CA VAL A 5 -16.91 4.19 1.97
C VAL A 5 -17.05 3.68 0.54
N ILE A 6 -17.26 4.58 -0.41
CA ILE A 6 -17.34 4.20 -1.80
C ILE A 6 -15.99 4.55 -2.37
N ALA A 7 -15.30 3.55 -2.90
CA ALA A 7 -13.96 3.73 -3.45
C ALA A 7 -13.92 3.26 -4.90
N THR A 8 -13.45 4.14 -5.78
CA THR A 8 -13.41 3.85 -7.21
C THR A 8 -12.33 4.60 -7.99
N HIS A 9 -12.21 4.23 -9.26
CA HIS A 9 -11.30 4.91 -10.17
C HIS A 9 -12.07 6.17 -10.54
N GLY A 10 -11.39 7.30 -10.67
CA GLY A 10 -12.06 8.54 -11.01
C GLY A 10 -13.13 9.03 -10.03
N ALA A 11 -14.02 9.89 -10.52
CA ALA A 11 -15.07 10.50 -9.71
C ALA A 11 -16.34 9.68 -9.59
N LEU A 12 -16.28 8.43 -10.00
CA LEU A 12 -17.44 7.55 -9.92
C LEU A 12 -18.03 7.49 -8.49
N SER A 13 -17.16 7.50 -7.49
CA SER A 13 -17.58 7.43 -6.10
C SER A 13 -18.35 8.68 -5.71
N ASP A 14 -17.83 9.83 -6.12
CA ASP A 14 -18.51 11.08 -5.83
C ASP A 14 -19.83 11.13 -6.58
N GLY A 15 -19.83 10.64 -7.82
CA GLY A 15 -21.04 10.62 -8.61
C GLY A 15 -22.11 9.69 -8.04
N ALA A 16 -21.71 8.49 -7.63
CA ALA A 16 -22.68 7.56 -7.06
C ALA A 16 -23.27 8.23 -5.82
N LYS A 17 -22.44 8.93 -5.06
CA LYS A 17 -22.91 9.63 -3.87
C LYS A 17 -23.78 10.84 -4.24
N ASP A 18 -23.44 11.51 -5.33
CA ASP A 18 -24.23 12.65 -5.78
C ASP A 18 -25.61 12.12 -6.18
N ALA A 19 -25.63 11.07 -6.99
CA ALA A 19 -26.88 10.46 -7.46
C ALA A 19 -27.79 10.04 -6.30
N ALA A 20 -27.21 9.56 -5.20
CA ALA A 20 -27.99 9.12 -4.05
C ALA A 20 -28.60 10.31 -3.31
N THR A 21 -27.91 11.44 -3.38
CA THR A 21 -28.40 12.64 -2.73
C THR A 21 -29.56 13.22 -3.53
N VAL A 22 -29.47 13.13 -4.86
CA VAL A 22 -30.52 13.64 -5.72
C VAL A 22 -31.80 12.87 -5.43
N ILE A 23 -31.68 11.55 -5.26
CA ILE A 23 -32.83 10.68 -5.00
C ILE A 23 -33.37 10.72 -3.57
N MET A 24 -32.46 10.73 -2.61
CA MET A 24 -32.81 10.69 -1.20
C MET A 24 -33.02 12.04 -0.51
N GLY A 25 -32.32 13.06 -1.00
CA GLY A 25 -32.42 14.39 -0.42
C GLY A 25 -31.14 14.73 0.31
N ALA A 26 -30.58 13.74 0.99
CA ALA A 26 -29.33 13.90 1.73
C ALA A 26 -28.74 12.52 2.00
N THR A 27 -27.54 12.51 2.56
CA THR A 27 -26.87 11.27 2.94
C THR A 27 -26.04 11.56 4.18
N GLU A 28 -25.69 10.51 4.91
CA GLU A 28 -24.86 10.67 6.09
C GLU A 28 -23.93 9.48 6.28
N ASN A 29 -22.76 9.77 6.83
CA ASN A 29 -21.74 8.77 7.12
C ASN A 29 -21.27 8.00 5.87
N ILE A 30 -21.08 8.73 4.76
CA ILE A 30 -20.60 8.15 3.53
C ILE A 30 -19.39 8.95 3.07
N GLU A 31 -18.25 8.28 2.95
CA GLU A 31 -17.01 8.88 2.50
C GLU A 31 -16.74 8.38 1.07
N THR A 32 -16.04 9.16 0.26
CA THR A 32 -15.70 8.71 -1.10
C THR A 32 -14.20 8.78 -1.34
N VAL A 33 -13.65 7.75 -1.98
CA VAL A 33 -12.23 7.74 -2.27
C VAL A 33 -12.09 7.60 -3.79
N ASN A 34 -11.10 8.27 -4.35
CA ASN A 34 -10.89 8.23 -5.79
C ASN A 34 -9.45 7.89 -6.15
N LEU A 35 -9.30 7.03 -7.15
CA LEU A 35 -7.98 6.66 -7.65
C LEU A 35 -7.92 7.29 -9.03
N ASN A 36 -7.06 8.28 -9.19
CA ASN A 36 -6.96 8.94 -10.48
C ASN A 36 -5.74 8.54 -11.27
N SER A 37 -5.75 8.94 -12.53
CA SER A 37 -4.65 8.66 -13.44
C SER A 37 -3.42 9.27 -12.78
N GLY A 38 -2.34 8.49 -12.70
CA GLY A 38 -1.12 8.98 -12.10
C GLY A 38 -1.06 8.97 -10.58
N ASP A 39 -2.00 8.28 -9.94
CA ASP A 39 -2.03 8.17 -8.49
C ASP A 39 -1.23 6.94 -8.12
N ASP A 40 -0.48 7.02 -7.03
CA ASP A 40 0.32 5.88 -6.61
C ASP A 40 -0.60 5.02 -5.76
N VAL A 41 -0.86 3.79 -6.20
CA VAL A 41 -1.77 2.89 -5.49
C VAL A 41 -1.26 2.63 -4.08
N GLN A 42 0.00 2.96 -3.86
CA GLN A 42 0.60 2.77 -2.55
C GLN A 42 -0.13 3.69 -1.56
N ALA A 43 -0.60 4.83 -2.04
CA ALA A 43 -1.29 5.81 -1.20
C ALA A 43 -2.79 5.53 -1.07
N LEU A 44 -3.35 4.79 -2.02
CA LEU A 44 -4.76 4.48 -1.99
C LEU A 44 -5.09 3.73 -0.72
N GLY A 45 -4.20 2.83 -0.33
CA GLY A 45 -4.42 2.09 0.90
C GLY A 45 -4.63 3.04 2.06
N GLY A 46 -3.76 4.05 2.15
CA GLY A 46 -3.89 5.04 3.21
C GLY A 46 -5.18 5.85 3.19
N GLN A 47 -5.63 6.24 2.00
CA GLN A 47 -6.86 7.02 1.89
C GLN A 47 -8.07 6.17 2.25
N ILE A 48 -8.01 4.89 1.94
CA ILE A 48 -9.11 3.96 2.23
C ILE A 48 -9.23 3.70 3.73
N LYS A 49 -8.09 3.62 4.42
CA LYS A 49 -8.09 3.40 5.86
C LYS A 49 -8.63 4.66 6.55
N THR A 50 -8.09 5.82 6.20
CA THR A 50 -8.55 7.08 6.77
C THR A 50 -10.08 7.20 6.65
N ALA A 51 -10.60 6.88 5.46
CA ALA A 51 -12.03 6.94 5.21
C ALA A 51 -12.81 5.96 6.10
N ILE A 52 -12.35 4.70 6.16
CA ILE A 52 -13.02 3.71 7.00
C ILE A 52 -13.09 4.21 8.45
N GLU A 53 -11.97 4.74 8.93
CA GLU A 53 -11.90 5.26 10.28
C GLU A 53 -12.83 6.46 10.47
N ASN A 54 -13.04 7.25 9.43
CA ASN A 54 -13.92 8.41 9.54
C ASN A 54 -15.41 8.06 9.55
N VAL A 55 -15.78 6.80 9.27
CA VAL A 55 -17.19 6.43 9.29
C VAL A 55 -17.53 5.36 10.29
N GLN A 56 -16.50 4.77 10.90
CA GLN A 56 -16.68 3.74 11.92
C GLN A 56 -17.35 4.35 13.15
N GLN A 57 -18.53 3.86 13.50
CA GLN A 57 -19.26 4.36 14.66
C GLN A 57 -19.55 3.20 15.58
N GLY A 58 -19.10 2.01 15.19
CA GLY A 58 -19.32 0.85 16.00
C GLY A 58 -20.30 -0.16 15.44
N ASP A 59 -20.76 0.06 14.23
CA ASP A 59 -21.69 -0.88 13.61
C ASP A 59 -21.12 -1.46 12.33
N GLY A 60 -19.84 -1.20 12.08
CA GLY A 60 -19.21 -1.72 10.88
C GLY A 60 -19.13 -0.70 9.78
N VAL A 61 -18.47 -1.09 8.70
CA VAL A 61 -18.32 -0.21 7.57
C VAL A 61 -18.46 -1.02 6.29
N LEU A 62 -19.26 -0.48 5.38
CA LEU A 62 -19.49 -1.14 4.11
C LEU A 62 -18.54 -0.46 3.13
N VAL A 63 -17.52 -1.17 2.69
CA VAL A 63 -16.58 -0.61 1.71
C VAL A 63 -17.08 -1.01 0.33
N MET A 64 -17.70 -0.06 -0.37
CA MET A 64 -18.25 -0.31 -1.70
C MET A 64 -17.32 0.10 -2.82
N VAL A 65 -16.79 -0.88 -3.55
CA VAL A 65 -15.86 -0.58 -4.64
C VAL A 65 -16.50 -0.80 -6.01
N ASP A 66 -15.83 -0.32 -7.05
CA ASP A 66 -16.35 -0.44 -8.39
C ASP A 66 -16.07 -1.73 -9.14
N LEU A 67 -14.81 -2.13 -9.13
CA LEU A 67 -14.36 -3.27 -9.90
C LEU A 67 -13.61 -4.37 -9.13
N LEU A 68 -14.15 -5.59 -9.17
CA LEU A 68 -13.52 -6.72 -8.51
C LEU A 68 -12.12 -6.96 -9.09
N SER A 69 -11.16 -7.12 -8.19
CA SER A 69 -9.75 -7.35 -8.52
C SER A 69 -8.96 -6.15 -9.06
N ALA A 70 -9.55 -4.96 -9.07
CA ALA A 70 -8.80 -3.81 -9.53
C ALA A 70 -8.18 -3.21 -8.28
N SER A 71 -7.43 -2.13 -8.45
CA SER A 71 -6.77 -1.49 -7.32
C SER A 71 -7.63 -1.16 -6.11
N PRO A 72 -8.72 -0.41 -6.33
CA PRO A 72 -9.55 -0.07 -5.17
C PRO A 72 -9.94 -1.32 -4.36
N TYR A 73 -10.33 -2.38 -5.07
CA TYR A 73 -10.71 -3.63 -4.39
C TYR A 73 -9.50 -4.23 -3.64
N ASN A 74 -8.37 -4.36 -4.32
CA ASN A 74 -7.16 -4.93 -3.74
C ASN A 74 -6.69 -4.24 -2.48
N GLN A 75 -6.55 -2.93 -2.56
CA GLN A 75 -6.10 -2.11 -1.44
C GLN A 75 -7.08 -2.15 -0.27
N ALA A 76 -8.37 -2.27 -0.59
CA ALA A 76 -9.40 -2.33 0.44
C ALA A 76 -9.18 -3.61 1.24
N VAL A 77 -9.11 -4.74 0.55
CA VAL A 77 -8.88 -6.03 1.21
C VAL A 77 -7.57 -6.02 1.99
N LEU A 78 -6.52 -5.47 1.40
CA LEU A 78 -5.23 -5.43 2.06
C LEU A 78 -5.17 -4.55 3.30
N VAL A 79 -5.95 -3.48 3.32
CA VAL A 79 -5.95 -2.59 4.48
C VAL A 79 -6.72 -3.27 5.62
N ILE A 80 -7.83 -3.92 5.27
CA ILE A 80 -8.65 -4.61 6.25
C ILE A 80 -7.83 -5.64 7.02
N ASN A 81 -6.96 -6.35 6.30
CA ASN A 81 -6.10 -7.35 6.93
C ASN A 81 -5.25 -6.78 8.07
N GLU A 82 -4.95 -5.49 8.01
CA GLU A 82 -4.12 -4.84 9.03
C GLU A 82 -4.88 -4.05 10.09
N LEU A 83 -6.13 -4.42 10.35
CA LEU A 83 -6.89 -3.71 11.37
C LEU A 83 -7.21 -4.63 12.54
N GLU A 84 -7.57 -4.02 13.66
CA GLU A 84 -7.93 -4.75 14.87
C GLU A 84 -9.00 -5.76 14.48
N PRO A 85 -8.82 -7.02 14.86
CA PRO A 85 -9.78 -8.09 14.54
C PRO A 85 -11.21 -7.73 14.90
N ALA A 86 -11.36 -6.75 15.78
CA ALA A 86 -12.67 -6.31 16.25
C ALA A 86 -13.53 -5.68 15.15
N LEU A 87 -13.02 -4.65 14.49
CA LEU A 87 -13.82 -4.03 13.44
C LEU A 87 -13.61 -4.82 12.17
N GLN A 88 -12.44 -5.44 12.10
CA GLN A 88 -12.05 -6.27 10.97
C GLN A 88 -13.17 -7.25 10.60
N LYS A 89 -13.89 -7.73 11.61
CA LYS A 89 -14.97 -8.67 11.36
C LYS A 89 -16.29 -7.96 11.07
N LYS A 90 -16.24 -6.63 11.06
CA LYS A 90 -17.41 -5.82 10.80
C LYS A 90 -17.27 -4.99 9.52
N ILE A 91 -16.23 -5.27 8.74
CA ILE A 91 -16.01 -4.54 7.50
C ILE A 91 -16.21 -5.46 6.29
N PHE A 92 -17.19 -5.13 5.47
CA PHE A 92 -17.46 -5.91 4.26
C PHE A 92 -17.13 -5.13 3.01
N VAL A 93 -16.64 -5.83 2.01
CA VAL A 93 -16.28 -5.22 0.75
C VAL A 93 -17.19 -5.68 -0.40
N VAL A 94 -18.03 -4.79 -0.93
CA VAL A 94 -18.86 -5.18 -2.09
C VAL A 94 -18.32 -4.57 -3.39
N SER A 95 -18.27 -5.39 -4.43
CA SER A 95 -17.76 -4.97 -5.73
C SER A 95 -18.91 -4.83 -6.70
N GLY A 96 -18.61 -4.32 -7.90
CA GLY A 96 -19.65 -4.11 -8.90
C GLY A 96 -20.70 -3.11 -8.42
N THR A 97 -20.30 -2.25 -7.49
CA THR A 97 -21.20 -1.26 -6.90
C THR A 97 -22.00 -0.40 -7.89
N ASN A 98 -23.33 -0.40 -7.73
CA ASN A 98 -24.21 0.41 -8.57
C ASN A 98 -25.20 1.18 -7.68
N LEU A 99 -25.84 2.21 -8.25
CA LEU A 99 -26.76 3.01 -7.48
C LEU A 99 -27.75 2.20 -6.64
N PRO A 100 -28.38 1.15 -7.21
CA PRO A 100 -29.31 0.41 -6.36
C PRO A 100 -28.63 -0.13 -5.10
N MET A 101 -27.36 -0.49 -5.20
CA MET A 101 -26.64 -1.03 -4.07
C MET A 101 -26.35 0.07 -3.04
N VAL A 102 -25.96 1.24 -3.51
CA VAL A 102 -25.70 2.34 -2.60
C VAL A 102 -27.00 2.71 -1.85
N LEU A 103 -28.12 2.69 -2.57
CA LEU A 103 -29.43 3.01 -1.99
C LEU A 103 -29.86 1.96 -0.98
N GLU A 104 -29.56 0.71 -1.27
CA GLU A 104 -29.89 -0.38 -0.37
C GLU A 104 -29.02 -0.23 0.90
N ALA A 105 -27.75 0.13 0.69
CA ALA A 105 -26.82 0.32 1.79
C ALA A 105 -27.33 1.38 2.74
N ILE A 106 -27.72 2.52 2.19
CA ILE A 106 -28.24 3.64 2.97
C ILE A 106 -29.47 3.19 3.75
N ASN A 107 -30.26 2.35 3.11
CA ASN A 107 -31.47 1.80 3.69
C ASN A 107 -31.13 0.99 4.95
N HIS A 108 -30.05 0.22 4.90
CA HIS A 108 -29.63 -0.55 6.05
C HIS A 108 -29.05 0.36 7.12
N GLN A 109 -28.45 1.47 6.69
CA GLN A 109 -27.89 2.45 7.61
C GLN A 109 -29.01 2.93 8.54
N LEU A 110 -30.10 3.35 7.91
CA LEU A 110 -31.28 3.83 8.62
C LEU A 110 -31.93 2.73 9.46
N LEU A 111 -32.03 1.51 8.91
CA LEU A 111 -32.64 0.39 9.61
C LEU A 111 -31.83 -0.16 10.79
N GLY A 112 -30.51 0.03 10.77
CA GLY A 112 -29.67 -0.47 11.85
C GLY A 112 -29.34 -1.93 11.63
N THR A 113 -29.61 -2.39 10.44
CA THR A 113 -29.36 -3.76 10.06
C THR A 113 -27.90 -4.13 10.32
N PRO A 114 -27.66 -5.31 10.90
CA PRO A 114 -26.29 -5.79 11.16
C PRO A 114 -25.60 -5.93 9.80
N ILE A 115 -24.39 -5.41 9.70
CA ILE A 115 -23.68 -5.40 8.45
C ILE A 115 -23.60 -6.69 7.63
N ALA A 116 -23.38 -7.83 8.29
CA ALA A 116 -23.33 -9.11 7.59
C ALA A 116 -24.65 -9.36 6.86
N GLU A 117 -25.76 -9.12 7.55
CA GLU A 117 -27.07 -9.31 6.93
C GLU A 117 -27.28 -8.26 5.85
N ALA A 118 -26.70 -7.07 6.05
CA ALA A 118 -26.85 -5.99 5.08
C ALA A 118 -26.10 -6.32 3.81
N ALA A 119 -24.86 -6.74 3.97
CA ALA A 119 -24.00 -7.10 2.84
C ALA A 119 -24.69 -8.06 1.87
N GLN A 120 -25.31 -9.11 2.40
CA GLN A 120 -25.99 -10.06 1.53
C GLN A 120 -27.15 -9.38 0.83
N ALA A 121 -27.90 -8.59 1.60
CA ALA A 121 -29.04 -7.89 1.07
C ALA A 121 -28.64 -7.01 -0.11
N ILE A 122 -27.49 -6.35 0.03
CA ILE A 122 -27.00 -5.47 -1.01
C ILE A 122 -26.60 -6.25 -2.25
N VAL A 123 -25.94 -7.39 -2.02
CA VAL A 123 -25.51 -8.22 -3.14
C VAL A 123 -26.72 -8.75 -3.91
N ALA A 124 -27.78 -9.12 -3.21
CA ALA A 124 -28.97 -9.62 -3.88
C ALA A 124 -29.54 -8.51 -4.75
N GLN A 125 -29.81 -7.35 -4.13
CA GLN A 125 -30.36 -6.19 -4.84
C GLN A 125 -29.56 -5.87 -6.09
N GLY A 126 -28.28 -5.59 -5.89
CA GLY A 126 -27.41 -5.28 -7.01
C GLY A 126 -27.66 -6.21 -8.18
N LYS A 127 -27.43 -7.51 -7.97
CA LYS A 127 -27.62 -8.48 -9.03
C LYS A 127 -29.02 -8.37 -9.66
N GLU A 128 -30.05 -8.44 -8.84
CA GLU A 128 -31.41 -8.39 -9.32
C GLU A 128 -31.74 -7.08 -10.07
N SER A 129 -31.00 -6.02 -9.80
CA SER A 129 -31.27 -4.74 -10.45
C SER A 129 -30.64 -4.59 -11.84
N VAL A 130 -29.85 -5.57 -12.24
CA VAL A 130 -29.21 -5.54 -13.53
C VAL A 130 -30.01 -6.34 -14.55
N GLN A 131 -30.67 -5.63 -15.45
CA GLN A 131 -31.47 -6.24 -16.50
C GLN A 131 -31.49 -5.34 -17.73
N ALA A 132 -31.93 -5.90 -18.85
CA ALA A 132 -31.99 -5.15 -20.09
C ALA A 132 -33.43 -5.07 -20.58
N TRP A 133 -33.73 -4.01 -21.32
CA TRP A 133 -35.06 -3.81 -21.89
C TRP A 133 -34.93 -3.36 -23.33
N ASP A 134 -35.86 -3.78 -24.17
CA ASP A 134 -35.89 -3.37 -25.57
C ASP A 134 -37.35 -3.31 -26.04
N ILE A 135 -37.60 -2.62 -27.14
CA ILE A 135 -38.95 -2.47 -27.65
C ILE A 135 -39.73 -3.76 -27.87
N SER A 136 -39.03 -4.88 -28.01
CA SER A 136 -39.71 -6.14 -28.25
C SER A 136 -40.39 -6.73 -27.01
N MET A 137 -40.26 -6.06 -25.88
CA MET A 137 -40.88 -6.57 -24.66
C MET A 137 -42.06 -5.71 -24.24
N MET B 1 -20.56 2.36 -35.84
CA MET B 1 -20.09 2.05 -34.47
C MET B 1 -21.22 2.14 -33.45
N LEU B 2 -21.26 1.15 -32.57
CA LEU B 2 -22.27 1.08 -31.51
C LEU B 2 -22.22 2.37 -30.67
N GLY B 3 -23.40 2.92 -30.36
CA GLY B 3 -23.44 4.12 -29.57
C GLY B 3 -23.85 3.84 -28.14
N ILE B 4 -23.34 4.64 -27.21
CA ILE B 4 -23.64 4.48 -25.80
C ILE B 4 -24.10 5.79 -25.15
N VAL B 5 -25.22 5.72 -24.43
CA VAL B 5 -25.75 6.86 -23.71
C VAL B 5 -25.93 6.46 -22.26
N ILE B 6 -25.13 7.04 -21.38
CA ILE B 6 -25.22 6.78 -19.95
C ILE B 6 -26.11 7.89 -19.37
N ALA B 7 -27.24 7.50 -18.78
CA ALA B 7 -28.19 8.45 -18.20
C ALA B 7 -28.49 8.13 -16.74
N THR B 8 -28.16 9.06 -15.86
CA THR B 8 -28.35 8.87 -14.42
C THR B 8 -28.76 10.12 -13.63
N HIS B 9 -29.15 9.88 -12.38
CA HIS B 9 -29.51 10.96 -11.47
C HIS B 9 -28.15 11.54 -11.12
N GLY B 10 -28.05 12.86 -11.05
CA GLY B 10 -26.77 13.45 -10.69
C GLY B 10 -25.63 13.21 -11.66
N ALA B 11 -24.41 13.34 -11.14
CA ALA B 11 -23.17 13.18 -11.89
C ALA B 11 -22.69 11.74 -12.08
N LEU B 12 -23.49 10.77 -11.65
CA LEU B 12 -23.11 9.36 -11.79
C LEU B 12 -22.68 8.98 -13.22
N SER B 13 -23.43 9.44 -14.23
CA SER B 13 -23.07 9.08 -15.61
C SER B 13 -21.70 9.65 -15.97
N ASP B 14 -21.39 10.85 -15.49
CA ASP B 14 -20.09 11.42 -15.80
C ASP B 14 -18.98 10.73 -15.03
N GLY B 15 -19.30 10.23 -13.84
CA GLY B 15 -18.30 9.54 -13.02
C GLY B 15 -17.96 8.17 -13.56
N ALA B 16 -18.96 7.55 -14.20
CA ALA B 16 -18.77 6.25 -14.79
C ALA B 16 -17.87 6.38 -16.00
N LYS B 17 -18.08 7.40 -16.80
CA LYS B 17 -17.27 7.57 -18.00
C LYS B 17 -15.88 7.98 -17.62
N ASP B 18 -15.76 8.78 -16.58
CA ASP B 18 -14.46 9.19 -16.13
C ASP B 18 -13.67 7.97 -15.63
N ALA B 19 -14.33 7.14 -14.81
CA ALA B 19 -13.68 5.94 -14.29
C ALA B 19 -13.25 5.06 -15.46
N ALA B 20 -14.17 4.85 -16.41
CA ALA B 20 -13.87 4.03 -17.56
C ALA B 20 -12.75 4.63 -18.41
N THR B 21 -12.65 5.95 -18.41
CA THR B 21 -11.62 6.64 -19.17
C THR B 21 -10.29 6.37 -18.48
N VAL B 22 -10.30 6.47 -17.15
CA VAL B 22 -9.11 6.23 -16.37
C VAL B 22 -8.53 4.84 -16.67
N ILE B 23 -9.39 3.85 -16.91
CA ILE B 23 -8.93 2.48 -17.17
C ILE B 23 -8.58 2.18 -18.63
N MET B 24 -9.51 2.47 -19.54
CA MET B 24 -9.28 2.20 -20.96
C MET B 24 -8.72 3.33 -21.82
N GLY B 25 -8.62 4.53 -21.25
CA GLY B 25 -8.13 5.66 -22.02
C GLY B 25 -9.29 6.37 -22.71
N ALA B 26 -8.99 7.22 -23.68
CA ALA B 26 -10.02 7.98 -24.40
C ALA B 26 -11.06 7.11 -25.08
N THR B 27 -12.32 7.35 -24.75
CA THR B 27 -13.44 6.61 -25.31
C THR B 27 -14.04 7.40 -26.49
N GLU B 28 -14.95 6.78 -27.21
CA GLU B 28 -15.55 7.45 -28.34
C GLU B 28 -17.02 7.04 -28.47
N ASN B 29 -17.84 7.97 -28.94
CA ASN B 29 -19.28 7.75 -29.12
C ASN B 29 -20.05 7.44 -27.83
N ILE B 30 -19.67 8.08 -26.73
CA ILE B 30 -20.36 7.89 -25.45
C ILE B 30 -20.95 9.23 -25.02
N GLU B 31 -22.25 9.25 -24.79
CA GLU B 31 -22.96 10.45 -24.35
C GLU B 31 -23.40 10.29 -22.89
N THR B 32 -23.31 11.35 -22.10
CA THR B 32 -23.74 11.28 -20.72
C THR B 32 -24.84 12.29 -20.49
N VAL B 33 -25.87 11.86 -19.79
CA VAL B 33 -26.97 12.72 -19.47
C VAL B 33 -27.14 12.74 -17.94
N ASN B 34 -27.72 13.81 -17.41
CA ASN B 34 -27.90 13.91 -15.97
C ASN B 34 -29.28 14.41 -15.59
N LEU B 35 -29.74 14.01 -14.42
CA LEU B 35 -31.00 14.46 -13.92
C LEU B 35 -30.67 15.01 -12.53
N ASN B 36 -30.64 16.33 -12.42
CA ASN B 36 -30.30 17.01 -11.19
C ASN B 36 -31.51 17.56 -10.46
N SER B 37 -31.33 17.85 -9.17
CA SER B 37 -32.42 18.39 -8.37
C SER B 37 -33.01 19.59 -9.09
N GLY B 38 -34.32 19.55 -9.33
CA GLY B 38 -34.95 20.66 -10.00
C GLY B 38 -35.25 20.48 -11.47
N ASP B 39 -34.41 19.72 -12.17
CA ASP B 39 -34.62 19.50 -13.59
C ASP B 39 -36.01 18.96 -13.87
N ASP B 40 -36.55 19.34 -15.01
CA ASP B 40 -37.86 18.89 -15.45
C ASP B 40 -37.62 17.54 -16.14
N VAL B 41 -38.45 16.54 -15.87
CA VAL B 41 -38.25 15.22 -16.50
C VAL B 41 -38.49 15.20 -18.00
N GLN B 42 -39.41 16.02 -18.48
CA GLN B 42 -39.70 16.07 -19.91
C GLN B 42 -38.40 16.51 -20.62
N ALA B 43 -37.75 17.52 -20.04
CA ALA B 43 -36.51 18.01 -20.59
C ALA B 43 -35.49 16.86 -20.69
N LEU B 44 -35.45 16.01 -19.67
CA LEU B 44 -34.54 14.86 -19.67
C LEU B 44 -34.92 13.96 -20.85
N GLY B 45 -36.23 13.91 -21.14
CA GLY B 45 -36.70 13.10 -22.25
C GLY B 45 -35.98 13.56 -23.50
N GLY B 46 -36.08 14.85 -23.79
CA GLY B 46 -35.42 15.40 -24.95
C GLY B 46 -33.92 15.24 -24.90
N GLN B 47 -33.34 15.36 -23.71
CA GLN B 47 -31.90 15.21 -23.54
C GLN B 47 -31.44 13.82 -23.94
N ILE B 48 -32.22 12.82 -23.56
CA ILE B 48 -31.87 11.46 -23.91
C ILE B 48 -32.03 11.28 -25.42
N LYS B 49 -33.19 11.69 -25.94
CA LYS B 49 -33.47 11.57 -27.38
C LYS B 49 -32.33 12.17 -28.19
N THR B 50 -31.85 13.33 -27.74
CA THR B 50 -30.76 14.01 -28.43
C THR B 50 -29.47 13.17 -28.35
N ALA B 51 -29.09 12.78 -27.13
CA ALA B 51 -27.89 11.97 -26.94
C ALA B 51 -27.99 10.72 -27.82
N ILE B 52 -29.16 10.09 -27.83
CA ILE B 52 -29.36 8.89 -28.63
C ILE B 52 -29.10 9.19 -30.08
N GLU B 53 -29.62 10.31 -30.55
CA GLU B 53 -29.46 10.70 -31.94
C GLU B 53 -28.04 11.09 -32.30
N ASN B 54 -27.31 11.69 -31.36
CA ASN B 54 -25.92 12.09 -31.62
C ASN B 54 -24.98 10.89 -31.64
N VAL B 55 -25.48 9.73 -31.23
CA VAL B 55 -24.66 8.55 -31.18
C VAL B 55 -25.14 7.39 -32.04
N GLN B 56 -26.40 7.43 -32.47
CA GLN B 56 -26.97 6.38 -33.33
C GLN B 56 -26.26 6.31 -34.69
N GLN B 57 -25.68 5.15 -35.00
CA GLN B 57 -24.93 4.96 -36.23
C GLN B 57 -25.19 3.67 -36.99
N GLY B 58 -26.41 3.14 -36.96
CA GLY B 58 -26.63 1.91 -37.69
C GLY B 58 -26.43 0.62 -36.92
N ASP B 59 -25.59 0.65 -35.88
CA ASP B 59 -25.33 -0.53 -35.05
C ASP B 59 -26.13 -0.48 -33.75
N GLY B 60 -26.99 0.50 -33.60
CA GLY B 60 -27.77 0.57 -32.39
C GLY B 60 -27.15 1.39 -31.27
N VAL B 61 -27.89 1.49 -30.18
CA VAL B 61 -27.45 2.27 -29.05
C VAL B 61 -27.76 1.59 -27.72
N LEU B 62 -26.76 1.59 -26.85
CA LEU B 62 -26.92 1.02 -25.52
C LEU B 62 -27.24 2.20 -24.61
N VAL B 63 -28.43 2.21 -24.02
CA VAL B 63 -28.83 3.27 -23.10
C VAL B 63 -28.64 2.73 -21.68
N MET B 64 -27.58 3.16 -21.03
CA MET B 64 -27.31 2.68 -19.68
C MET B 64 -27.82 3.62 -18.58
N VAL B 65 -28.87 3.21 -17.89
CA VAL B 65 -29.42 4.02 -16.82
C VAL B 65 -28.96 3.51 -15.47
N ASP B 66 -29.26 4.26 -14.42
CA ASP B 66 -28.83 3.87 -13.09
C ASP B 66 -29.80 2.97 -12.36
N LEU B 67 -31.07 3.37 -12.35
CA LEU B 67 -32.08 2.65 -11.60
C LEU B 67 -33.32 2.27 -12.42
N LEU B 68 -33.76 1.02 -12.28
CA LEU B 68 -34.95 0.54 -12.97
C LEU B 68 -36.18 1.32 -12.46
N SER B 69 -37.11 1.63 -13.36
CA SER B 69 -38.34 2.31 -12.98
C SER B 69 -38.26 3.74 -12.46
N ALA B 70 -37.12 4.40 -12.61
CA ALA B 70 -36.98 5.78 -12.16
C ALA B 70 -36.95 6.70 -13.38
N SER B 71 -37.15 8.00 -13.19
CA SER B 71 -37.19 8.96 -14.30
C SER B 71 -36.25 8.72 -15.49
N PRO B 72 -34.95 8.53 -15.24
CA PRO B 72 -34.05 8.29 -16.37
C PRO B 72 -34.53 7.11 -17.22
N TYR B 73 -34.80 5.99 -16.56
CA TYR B 73 -35.30 4.79 -17.22
C TYR B 73 -36.66 4.99 -17.92
N ASN B 74 -37.65 5.48 -17.17
CA ASN B 74 -38.99 5.70 -17.70
C ASN B 74 -39.02 6.59 -18.94
N GLN B 75 -38.16 7.62 -18.93
CA GLN B 75 -38.07 8.56 -20.04
C GLN B 75 -37.36 7.95 -21.24
N ALA B 76 -36.40 7.07 -20.97
CA ALA B 76 -35.68 6.40 -22.02
C ALA B 76 -36.70 5.59 -22.79
N VAL B 77 -37.56 4.88 -22.06
CA VAL B 77 -38.58 4.05 -22.68
C VAL B 77 -39.59 4.90 -23.46
N LEU B 78 -40.07 5.97 -22.84
CA LEU B 78 -41.01 6.85 -23.50
C LEU B 78 -40.43 7.37 -24.81
N VAL B 79 -39.16 7.78 -24.76
CA VAL B 79 -38.47 8.30 -25.94
C VAL B 79 -38.41 7.22 -27.05
N ILE B 80 -37.85 6.06 -26.71
CA ILE B 80 -37.72 4.96 -27.65
C ILE B 80 -39.05 4.52 -28.27
N ASN B 81 -40.14 4.70 -27.53
CA ASN B 81 -41.46 4.34 -28.01
C ASN B 81 -41.93 5.20 -29.17
N GLU B 82 -41.42 6.42 -29.25
CA GLU B 82 -41.81 7.33 -30.31
C GLU B 82 -40.72 7.62 -31.32
N LEU B 83 -39.83 6.65 -31.50
CA LEU B 83 -38.75 6.77 -32.45
C LEU B 83 -39.11 6.05 -33.75
N GLU B 84 -38.56 6.51 -34.86
CA GLU B 84 -38.82 5.89 -36.15
C GLU B 84 -38.38 4.42 -36.08
N PRO B 85 -39.28 3.49 -36.44
CA PRO B 85 -39.08 2.04 -36.46
C PRO B 85 -37.69 1.51 -36.86
N ALA B 86 -37.05 2.12 -37.84
CA ALA B 86 -35.73 1.65 -38.27
C ALA B 86 -34.68 1.89 -37.19
N LEU B 87 -34.98 2.76 -36.23
CA LEU B 87 -34.03 3.09 -35.17
C LEU B 87 -34.35 2.38 -33.87
N GLN B 88 -35.61 2.45 -33.46
CA GLN B 88 -36.03 1.84 -32.20
C GLN B 88 -35.68 0.37 -32.00
N LYS B 89 -35.83 -0.45 -33.03
CA LYS B 89 -35.51 -1.87 -32.87
C LYS B 89 -34.09 -2.12 -32.35
N LYS B 90 -33.19 -1.15 -32.52
CA LYS B 90 -31.80 -1.31 -32.12
C LYS B 90 -31.34 -0.58 -30.86
N ILE B 91 -32.28 -0.04 -30.10
CA ILE B 91 -31.92 0.65 -28.86
C ILE B 91 -32.26 -0.23 -27.65
N PHE B 92 -31.27 -0.57 -26.84
CA PHE B 92 -31.49 -1.38 -25.64
C PHE B 92 -31.21 -0.58 -24.37
N VAL B 93 -32.06 -0.77 -23.35
CA VAL B 93 -31.89 -0.08 -22.07
C VAL B 93 -31.42 -1.06 -21.00
N VAL B 94 -30.25 -0.83 -20.41
CA VAL B 94 -29.79 -1.71 -19.34
C VAL B 94 -29.78 -0.95 -18.03
N SER B 95 -30.33 -1.61 -16.98
CA SER B 95 -30.44 -1.05 -15.64
C SER B 95 -29.34 -1.48 -14.69
N GLY B 96 -29.22 -0.70 -13.61
CA GLY B 96 -28.22 -0.97 -12.59
C GLY B 96 -26.80 -0.98 -13.14
N THR B 97 -26.49 -0.03 -14.01
CA THR B 97 -25.16 -0.02 -14.60
C THR B 97 -24.05 0.28 -13.59
N ASN B 98 -23.01 -0.55 -13.63
CA ASN B 98 -21.85 -0.39 -12.76
C ASN B 98 -20.66 -0.23 -13.70
N LEU B 99 -19.49 0.06 -13.14
CA LEU B 99 -18.34 0.24 -13.98
C LEU B 99 -18.09 -0.96 -14.91
N PRO B 100 -18.15 -2.20 -14.39
CA PRO B 100 -17.92 -3.40 -15.22
C PRO B 100 -18.84 -3.47 -16.45
N MET B 101 -20.10 -3.08 -16.29
CA MET B 101 -21.04 -3.12 -17.41
C MET B 101 -20.64 -2.13 -18.51
N VAL B 102 -20.13 -0.97 -18.07
CA VAL B 102 -19.69 0.10 -18.98
C VAL B 102 -18.44 -0.35 -19.71
N LEU B 103 -17.48 -0.88 -18.97
CA LEU B 103 -16.26 -1.38 -19.59
C LEU B 103 -16.64 -2.48 -20.61
N GLU B 104 -17.55 -3.35 -20.22
CA GLU B 104 -17.98 -4.42 -21.09
C GLU B 104 -18.65 -3.80 -22.32
N ALA B 105 -19.40 -2.72 -22.14
CA ALA B 105 -20.04 -2.06 -23.27
C ALA B 105 -18.99 -1.49 -24.23
N ILE B 106 -17.97 -0.83 -23.69
CA ILE B 106 -16.92 -0.24 -24.50
C ILE B 106 -16.24 -1.33 -25.31
N ASN B 107 -16.12 -2.52 -24.74
CA ASN B 107 -15.50 -3.64 -25.45
C ASN B 107 -16.34 -4.08 -26.64
N HIS B 108 -17.66 -4.18 -26.47
CA HIS B 108 -18.52 -4.59 -27.58
C HIS B 108 -18.52 -3.55 -28.68
N GLN B 109 -18.28 -2.32 -28.27
CA GLN B 109 -18.21 -1.20 -29.19
C GLN B 109 -17.01 -1.42 -30.12
N LEU B 110 -15.93 -1.97 -29.55
CA LEU B 110 -14.73 -2.23 -30.32
C LEU B 110 -14.86 -3.51 -31.14
N LEU B 111 -15.61 -4.47 -30.63
CA LEU B 111 -15.78 -5.74 -31.34
C LEU B 111 -16.82 -5.64 -32.44
N GLY B 112 -17.73 -4.69 -32.31
CA GLY B 112 -18.76 -4.56 -33.31
C GLY B 112 -19.82 -5.61 -33.07
N THR B 113 -19.92 -6.05 -31.83
CA THR B 113 -20.90 -7.07 -31.44
C THR B 113 -22.31 -6.60 -31.74
N PRO B 114 -23.17 -7.48 -32.29
CA PRO B 114 -24.55 -7.09 -32.58
C PRO B 114 -25.18 -6.73 -31.24
N ILE B 115 -25.87 -5.60 -31.19
CA ILE B 115 -26.44 -5.12 -29.94
C ILE B 115 -27.30 -6.06 -29.10
N ALA B 116 -28.22 -6.80 -29.71
CA ALA B 116 -29.04 -7.69 -28.90
C ALA B 116 -28.15 -8.71 -28.18
N GLU B 117 -27.01 -9.00 -28.79
CA GLU B 117 -26.05 -9.93 -28.22
C GLU B 117 -25.19 -9.24 -27.15
N ALA B 118 -24.88 -7.96 -27.37
CA ALA B 118 -24.05 -7.24 -26.43
C ALA B 118 -24.81 -6.98 -25.13
N ALA B 119 -26.09 -6.65 -25.25
CA ALA B 119 -26.89 -6.36 -24.07
C ALA B 119 -26.98 -7.56 -23.14
N GLN B 120 -27.20 -8.75 -23.70
CA GLN B 120 -27.31 -9.95 -22.87
C GLN B 120 -26.00 -10.24 -22.15
N ALA B 121 -24.89 -9.90 -22.81
CA ALA B 121 -23.57 -10.14 -22.25
C ALA B 121 -23.22 -9.12 -21.16
N ILE B 122 -23.71 -7.90 -21.33
CA ILE B 122 -23.45 -6.85 -20.37
C ILE B 122 -24.21 -7.17 -19.09
N VAL B 123 -25.43 -7.68 -19.24
CA VAL B 123 -26.24 -8.05 -18.09
C VAL B 123 -25.60 -9.19 -17.30
N ALA B 124 -25.09 -10.18 -18.01
CA ALA B 124 -24.46 -11.32 -17.37
C ALA B 124 -23.21 -10.91 -16.56
N GLN B 125 -22.34 -10.11 -17.17
CA GLN B 125 -21.13 -9.66 -16.51
C GLN B 125 -21.48 -8.74 -15.32
N GLY B 126 -22.48 -7.88 -15.52
CA GLY B 126 -22.90 -6.98 -14.46
C GLY B 126 -23.33 -7.73 -13.22
N LYS B 127 -24.16 -8.74 -13.40
CA LYS B 127 -24.66 -9.57 -12.29
C LYS B 127 -23.50 -10.31 -11.65
N GLU B 128 -22.60 -10.81 -12.48
CA GLU B 128 -21.45 -11.57 -12.03
C GLU B 128 -20.46 -10.71 -11.25
N SER B 129 -20.45 -9.42 -11.55
CA SER B 129 -19.50 -8.53 -10.92
C SER B 129 -19.88 -8.17 -9.48
N VAL B 130 -21.17 -8.29 -9.14
CA VAL B 130 -21.62 -7.95 -7.79
C VAL B 130 -21.31 -9.04 -6.77
N GLN B 131 -20.34 -8.77 -5.89
CA GLN B 131 -19.92 -9.72 -4.87
C GLN B 131 -19.52 -9.06 -3.56
N ALA B 132 -19.39 -9.86 -2.51
CA ALA B 132 -18.97 -9.36 -1.20
C ALA B 132 -17.85 -10.23 -0.61
N TRP B 133 -16.87 -9.56 0.00
CA TRP B 133 -15.73 -10.21 0.63
C TRP B 133 -15.64 -9.71 2.06
N ASP B 134 -15.24 -10.60 2.96
CA ASP B 134 -15.08 -10.23 4.36
C ASP B 134 -14.01 -11.14 4.95
N ILE B 135 -13.33 -10.65 5.97
CA ILE B 135 -12.24 -11.33 6.66
C ILE B 135 -12.44 -12.82 6.94
N SER B 136 -13.69 -13.27 7.06
CA SER B 136 -13.95 -14.67 7.34
C SER B 136 -13.48 -15.59 6.19
N MET B 137 -13.50 -15.08 4.97
CA MET B 137 -13.07 -15.86 3.82
C MET B 137 -11.57 -16.08 3.79
N THR B 138 -10.85 -15.37 4.65
CA THR B 138 -9.40 -15.47 4.71
C THR B 138 -8.97 -16.05 6.05
N SER B 139 -9.92 -16.22 6.96
CA SER B 139 -9.65 -16.74 8.29
C SER B 139 -9.83 -18.25 8.33
N PHE B 140 -8.91 -18.92 9.01
CA PHE B 140 -8.99 -20.36 9.11
C PHE B 140 -8.91 -20.71 10.60
N MET C 1 32.92 22.69 -2.56
CA MET C 1 32.02 21.92 -1.66
C MET C 1 30.54 22.28 -1.83
N LEU C 2 29.69 21.27 -1.72
CA LEU C 2 28.26 21.42 -1.80
C LEU C 2 27.85 22.48 -0.77
N GLY C 3 26.96 23.39 -1.16
CA GLY C 3 26.52 24.43 -0.25
C GLY C 3 25.13 24.16 0.30
N ILE C 4 24.89 24.56 1.54
CA ILE C 4 23.56 24.32 2.11
C ILE C 4 22.92 25.61 2.60
N VAL C 5 21.65 25.80 2.24
CA VAL C 5 20.89 26.97 2.68
C VAL C 5 19.66 26.45 3.38
N ILE C 6 19.44 26.89 4.61
CA ILE C 6 18.26 26.50 5.38
C ILE C 6 17.36 27.74 5.54
N ALA C 7 16.19 27.70 4.91
CA ALA C 7 15.28 28.82 4.96
C ALA C 7 14.00 28.37 5.64
N THR C 8 13.64 29.09 6.70
CA THR C 8 12.45 28.73 7.47
C THR C 8 11.79 29.93 8.12
N HIS C 9 10.62 29.68 8.69
CA HIS C 9 9.92 30.71 9.43
C HIS C 9 10.73 30.82 10.72
N GLY C 10 10.82 32.05 11.25
CA GLY C 10 11.55 32.24 12.47
C GLY C 10 12.97 31.71 12.49
N ALA C 11 13.46 31.43 13.70
CA ALA C 11 14.83 30.97 13.94
C ALA C 11 15.03 29.47 13.77
N LEU C 12 14.02 28.79 13.21
CA LEU C 12 14.12 27.36 13.00
C LEU C 12 15.37 26.97 12.23
N SER C 13 15.76 27.76 11.23
CA SER C 13 16.95 27.44 10.45
C SER C 13 18.24 27.61 11.28
N ASP C 14 18.22 28.50 12.26
CA ASP C 14 19.39 28.73 13.11
C ASP C 14 19.48 27.65 14.17
N GLY C 15 18.34 27.18 14.63
CA GLY C 15 18.35 26.12 15.63
C GLY C 15 18.88 24.86 15.01
N ALA C 16 18.52 24.66 13.74
CA ALA C 16 18.95 23.49 13.00
C ALA C 16 20.47 23.48 12.83
N LYS C 17 21.05 24.59 12.39
CA LYS C 17 22.49 24.64 12.21
C LYS C 17 23.20 24.49 13.55
N ASP C 18 22.63 25.11 14.59
CA ASP C 18 23.20 25.02 15.91
C ASP C 18 23.15 23.56 16.40
N ALA C 19 22.01 22.90 16.23
CA ALA C 19 21.90 21.50 16.65
C ALA C 19 22.95 20.63 15.97
N ALA C 20 23.21 20.95 14.71
CA ALA C 20 24.17 20.20 13.93
C ALA C 20 25.57 20.47 14.45
N THR C 21 25.81 21.71 14.90
CA THR C 21 27.12 22.09 15.42
C THR C 21 27.38 21.36 16.75
N VAL C 22 26.31 21.14 17.51
CA VAL C 22 26.44 20.44 18.78
C VAL C 22 26.76 18.96 18.57
N ILE C 23 26.10 18.35 17.59
CA ILE C 23 26.31 16.94 17.33
C ILE C 23 27.59 16.65 16.57
N MET C 24 27.88 17.49 15.58
CA MET C 24 29.04 17.33 14.72
C MET C 24 30.31 17.93 15.30
N GLY C 25 30.18 19.09 15.94
CA GLY C 25 31.34 19.77 16.49
C GLY C 25 31.65 21.02 15.68
N ALA C 26 31.18 21.02 14.43
CA ALA C 26 31.40 22.15 13.53
C ALA C 26 30.55 21.98 12.26
N THR C 27 30.50 23.02 11.44
CA THR C 27 29.76 22.99 10.17
C THR C 27 30.42 23.98 9.24
N GLU C 28 30.40 23.69 7.93
CA GLU C 28 30.95 24.64 6.99
C GLU C 28 30.04 24.82 5.78
N ASN C 29 30.09 26.02 5.22
CA ASN C 29 29.34 26.40 4.03
C ASN C 29 27.82 26.24 4.14
N ILE C 30 27.27 26.71 5.26
CA ILE C 30 25.83 26.65 5.50
C ILE C 30 25.32 28.04 5.87
N GLU C 31 24.31 28.50 5.14
CA GLU C 31 23.71 29.81 5.37
C GLU C 31 22.34 29.59 5.97
N THR C 32 21.84 30.61 6.64
CA THR C 32 20.51 30.52 7.23
C THR C 32 19.71 31.72 6.80
N VAL C 33 18.41 31.51 6.58
CA VAL C 33 17.50 32.54 6.16
C VAL C 33 16.26 32.40 7.01
N ASN C 34 15.76 33.51 7.52
CA ASN C 34 14.57 33.46 8.35
C ASN C 34 13.44 34.30 7.78
N LEU C 35 12.22 33.86 8.00
CA LEU C 35 11.06 34.62 7.58
C LEU C 35 10.36 34.93 8.90
N ASN C 36 10.43 36.18 9.32
CA ASN C 36 9.81 36.61 10.58
C ASN C 36 8.48 37.30 10.41
N SER C 37 7.77 37.42 11.53
CA SER C 37 6.47 38.07 11.57
C SER C 37 6.60 39.51 11.09
N GLY C 38 5.76 39.90 10.16
CA GLY C 38 5.84 41.25 9.65
C GLY C 38 6.66 41.35 8.40
N ASP C 39 7.58 40.41 8.18
CA ASP C 39 8.40 40.43 6.99
C ASP C 39 7.49 40.31 5.78
N ASP C 40 7.80 41.10 4.76
CA ASP C 40 7.05 41.08 3.51
C ASP C 40 7.70 39.93 2.71
N VAL C 41 6.93 38.91 2.34
CA VAL C 41 7.55 37.79 1.59
C VAL C 41 8.16 38.23 0.27
N GLN C 42 7.84 39.44 -0.16
CA GLN C 42 8.40 39.95 -1.40
C GLN C 42 9.91 40.10 -1.26
N ALA C 43 10.38 40.23 -0.02
CA ALA C 43 11.83 40.37 0.22
C ALA C 43 12.54 39.06 0.52
N LEU C 44 11.76 37.98 0.64
CA LEU C 44 12.34 36.68 0.98
C LEU C 44 13.18 36.12 -0.15
N GLY C 45 12.69 36.28 -1.38
CA GLY C 45 13.39 35.77 -2.53
C GLY C 45 14.82 36.25 -2.56
N GLY C 46 15.00 37.56 -2.38
CA GLY C 46 16.32 38.17 -2.39
C GLY C 46 17.24 37.59 -1.33
N GLN C 47 16.73 37.39 -0.12
CA GLN C 47 17.57 36.82 0.92
C GLN C 47 17.96 35.38 0.57
N ILE C 48 17.00 34.59 0.10
CA ILE C 48 17.29 33.21 -0.27
C ILE C 48 18.32 33.19 -1.39
N LYS C 49 18.22 34.15 -2.30
CA LYS C 49 19.18 34.23 -3.41
C LYS C 49 20.60 34.62 -2.95
N THR C 50 20.71 35.67 -2.13
CA THR C 50 22.01 36.12 -1.61
C THR C 50 22.72 34.99 -0.88
N ALA C 51 21.95 34.18 -0.15
CA ALA C 51 22.47 33.06 0.61
C ALA C 51 23.00 31.97 -0.33
N ILE C 52 22.25 31.65 -1.38
CA ILE C 52 22.66 30.63 -2.33
C ILE C 52 24.01 31.04 -2.92
N GLU C 53 24.13 32.32 -3.26
CA GLU C 53 25.37 32.84 -3.83
C GLU C 53 26.53 32.75 -2.86
N ASN C 54 26.25 32.94 -1.57
CA ASN C 54 27.26 32.87 -0.52
C ASN C 54 27.83 31.46 -0.30
N VAL C 55 27.11 30.43 -0.77
CA VAL C 55 27.58 29.07 -0.58
C VAL C 55 27.79 28.30 -1.89
N GLN C 56 27.50 28.91 -3.03
CA GLN C 56 27.69 28.23 -4.30
C GLN C 56 29.20 28.17 -4.55
N GLN C 57 29.73 26.98 -4.79
CA GLN C 57 31.16 26.81 -5.04
C GLN C 57 31.39 25.99 -6.30
N GLY C 58 30.30 25.67 -6.99
CA GLY C 58 30.38 24.89 -8.21
C GLY C 58 29.84 23.49 -8.07
N ASP C 59 29.63 23.07 -6.84
CA ASP C 59 29.14 21.73 -6.57
C ASP C 59 27.65 21.66 -6.32
N GLY C 60 26.98 22.78 -6.55
CA GLY C 60 25.55 22.79 -6.34
C GLY C 60 25.17 23.25 -4.96
N VAL C 61 23.91 23.62 -4.81
CA VAL C 61 23.41 24.08 -3.53
C VAL C 61 22.11 23.37 -3.19
N LEU C 62 22.01 22.98 -1.93
CA LEU C 62 20.83 22.32 -1.44
C LEU C 62 20.11 23.35 -0.59
N VAL C 63 18.87 23.69 -0.95
CA VAL C 63 18.10 24.66 -0.19
C VAL C 63 17.11 23.90 0.67
N MET C 64 17.39 23.83 1.97
CA MET C 64 16.55 23.11 2.93
C MET C 64 15.51 24.02 3.57
N VAL C 65 14.27 23.69 3.29
CA VAL C 65 13.12 24.44 3.70
C VAL C 65 12.27 23.70 4.75
N ASP C 66 11.47 24.44 5.52
CA ASP C 66 10.66 23.82 6.57
C ASP C 66 9.29 23.26 6.17
N LEU C 67 8.52 24.04 5.42
CA LEU C 67 7.19 23.62 5.03
C LEU C 67 7.03 23.41 3.52
N LEU C 68 6.24 22.41 3.16
CA LEU C 68 5.97 22.14 1.77
C LEU C 68 4.91 23.15 1.37
N SER C 69 5.18 23.92 0.32
CA SER C 69 4.25 24.92 -0.19
C SER C 69 4.06 26.20 0.65
N ALA C 70 4.99 26.48 1.56
CA ALA C 70 4.89 27.70 2.35
C ALA C 70 5.84 28.71 1.69
N SER C 71 5.86 29.93 2.21
CA SER C 71 6.69 30.97 1.60
C SER C 71 8.14 30.63 1.29
N PRO C 72 8.89 30.08 2.26
CA PRO C 72 10.28 29.75 2.00
C PRO C 72 10.44 28.77 0.82
N TYR C 73 9.57 27.78 0.76
CA TYR C 73 9.59 26.81 -0.34
C TYR C 73 9.23 27.50 -1.65
N ASN C 74 8.14 28.27 -1.65
CA ASN C 74 7.71 28.95 -2.87
C ASN C 74 8.75 29.91 -3.39
N GLN C 75 9.24 30.78 -2.51
CA GLN C 75 10.23 31.77 -2.89
C GLN C 75 11.56 31.14 -3.30
N ALA C 76 11.93 30.03 -2.68
CA ALA C 76 13.17 29.41 -3.07
C ALA C 76 13.00 28.88 -4.52
N VAL C 77 11.83 28.31 -4.80
CA VAL C 77 11.55 27.77 -6.12
C VAL C 77 11.54 28.86 -7.17
N LEU C 78 10.88 29.98 -6.87
CA LEU C 78 10.78 31.08 -7.81
C LEU C 78 12.09 31.81 -8.07
N VAL C 79 13.01 31.76 -7.11
CA VAL C 79 14.31 32.42 -7.25
C VAL C 79 15.22 31.62 -8.17
N ILE C 80 15.22 30.31 -7.98
CA ILE C 80 16.02 29.40 -8.78
C ILE C 80 15.61 29.59 -10.24
N ASN C 81 14.30 29.65 -10.45
CA ASN C 81 13.78 29.83 -11.79
C ASN C 81 14.42 30.99 -12.55
N GLU C 82 15.06 31.91 -11.82
CA GLU C 82 15.72 33.05 -12.45
C GLU C 82 17.23 32.90 -12.53
N LEU C 83 17.75 31.82 -11.96
CA LEU C 83 19.19 31.60 -11.99
C LEU C 83 19.68 31.06 -13.33
N GLU C 84 20.99 31.03 -13.48
CA GLU C 84 21.65 30.54 -14.68
C GLU C 84 21.36 29.05 -14.88
N PRO C 85 21.03 28.65 -16.11
CA PRO C 85 20.74 27.25 -16.42
C PRO C 85 21.71 26.26 -15.79
N ALA C 86 23.00 26.61 -15.78
CA ALA C 86 24.04 25.75 -15.21
C ALA C 86 23.91 25.68 -13.70
N LEU C 87 23.69 26.83 -13.07
CA LEU C 87 23.53 26.94 -11.63
C LEU C 87 22.25 26.17 -11.27
N GLN C 88 21.21 26.37 -12.08
CA GLN C 88 19.90 25.76 -11.90
C GLN C 88 19.85 24.24 -11.79
N LYS C 89 20.57 23.57 -12.67
CA LYS C 89 20.56 22.11 -12.65
C LYS C 89 21.05 21.58 -11.30
N LYS C 90 21.97 22.30 -10.67
CA LYS C 90 22.52 21.85 -9.40
C LYS C 90 21.91 22.46 -8.13
N ILE C 91 20.63 22.73 -8.15
CA ILE C 91 19.99 23.29 -6.97
C ILE C 91 18.71 22.53 -6.64
N PHE C 92 18.73 21.83 -5.50
CA PHE C 92 17.56 21.08 -5.09
C PHE C 92 16.97 21.73 -3.86
N VAL C 93 15.66 21.59 -3.72
CA VAL C 93 14.96 22.15 -2.58
C VAL C 93 14.33 20.99 -1.85
N VAL C 94 14.74 20.73 -0.62
CA VAL C 94 14.15 19.64 0.14
C VAL C 94 13.30 20.25 1.25
N SER C 95 12.10 19.72 1.45
CA SER C 95 11.18 20.23 2.44
C SER C 95 10.97 19.30 3.63
N GLY C 96 10.33 19.83 4.66
CA GLY C 96 10.10 19.08 5.89
C GLY C 96 11.43 18.75 6.57
N THR C 97 12.41 19.64 6.45
CA THR C 97 13.74 19.40 7.00
C THR C 97 13.80 19.20 8.51
N ASN C 98 14.51 18.15 8.90
CA ASN C 98 14.71 17.84 10.29
C ASN C 98 16.22 17.66 10.53
N LEU C 99 16.61 17.35 11.76
CA LEU C 99 18.03 17.21 12.05
C LEU C 99 18.67 16.07 11.27
N PRO C 100 18.01 14.90 11.20
CA PRO C 100 18.60 13.80 10.46
C PRO C 100 18.89 14.22 9.01
N MET C 101 17.97 14.96 8.40
CA MET C 101 18.16 15.43 7.03
C MET C 101 19.33 16.41 6.94
N VAL C 102 19.51 17.24 7.96
CA VAL C 102 20.61 18.18 7.93
C VAL C 102 21.93 17.44 8.08
N LEU C 103 21.94 16.46 8.98
CA LEU C 103 23.13 15.67 9.22
C LEU C 103 23.48 14.86 7.98
N GLU C 104 22.47 14.39 7.25
CA GLU C 104 22.72 13.62 6.04
C GLU C 104 23.39 14.55 5.00
N ALA C 105 22.84 15.74 4.86
CA ALA C 105 23.38 16.72 3.93
C ALA C 105 24.85 17.06 4.22
N ILE C 106 25.19 17.25 5.49
CA ILE C 106 26.57 17.57 5.84
C ILE C 106 27.46 16.39 5.45
N ASN C 107 26.98 15.17 5.68
CA ASN C 107 27.71 13.97 5.35
C ASN C 107 28.01 13.93 3.83
N HIS C 108 27.04 14.34 3.03
CA HIS C 108 27.23 14.34 1.57
C HIS C 108 28.05 15.51 1.12
N GLN C 109 28.13 16.52 1.97
CA GLN C 109 28.92 17.71 1.72
C GLN C 109 30.38 17.20 1.80
N LEU C 110 30.64 16.42 2.83
CA LEU C 110 31.95 15.85 3.08
C LEU C 110 32.38 14.84 2.01
N LEU C 111 31.48 13.91 1.66
CA LEU C 111 31.77 12.88 0.67
C LEU C 111 31.92 13.40 -0.76
N GLY C 112 31.39 14.59 -1.05
CA GLY C 112 31.49 15.12 -2.39
C GLY C 112 30.46 14.52 -3.32
N THR C 113 29.41 13.95 -2.74
CA THR C 113 28.31 13.32 -3.45
C THR C 113 27.58 14.26 -4.42
N PRO C 114 27.28 13.79 -5.64
CA PRO C 114 26.57 14.61 -6.62
C PRO C 114 25.29 15.05 -5.95
N ILE C 115 24.95 16.33 -6.02
CA ILE C 115 23.76 16.80 -5.34
C ILE C 115 22.48 16.03 -5.70
N ALA C 116 22.29 15.69 -6.98
CA ALA C 116 21.09 14.97 -7.36
C ALA C 116 20.99 13.67 -6.54
N GLU C 117 22.08 12.95 -6.42
CA GLU C 117 22.09 11.71 -5.64
C GLU C 117 21.90 12.03 -4.15
N ALA C 118 22.66 13.01 -3.68
CA ALA C 118 22.58 13.43 -2.29
C ALA C 118 21.17 13.79 -1.89
N ALA C 119 20.49 14.56 -2.74
CA ALA C 119 19.14 14.99 -2.45
C ALA C 119 18.19 13.83 -2.24
N GLN C 120 18.40 12.75 -2.96
CA GLN C 120 17.51 11.60 -2.82
C GLN C 120 17.69 10.90 -1.47
N ALA C 121 18.96 10.78 -1.05
CA ALA C 121 19.31 10.13 0.21
C ALA C 121 18.83 10.94 1.41
N ILE C 122 18.90 12.26 1.29
CA ILE C 122 18.46 13.14 2.36
C ILE C 122 16.97 12.98 2.54
N VAL C 123 16.24 13.00 1.43
CA VAL C 123 14.79 12.84 1.50
C VAL C 123 14.51 11.47 2.10
N ALA C 124 15.21 10.47 1.59
CA ALA C 124 15.04 9.09 2.06
C ALA C 124 15.30 8.94 3.56
N GLN C 125 16.38 9.53 4.04
CA GLN C 125 16.74 9.47 5.44
C GLN C 125 15.73 10.27 6.26
N GLY C 126 15.18 11.32 5.63
CA GLY C 126 14.22 12.17 6.29
C GLY C 126 12.98 11.40 6.67
N LYS C 127 12.52 10.54 5.76
CA LYS C 127 11.33 9.74 6.03
C LYS C 127 11.62 8.59 7.03
N GLU C 128 12.75 7.93 6.87
CA GLU C 128 13.11 6.84 7.77
C GLU C 128 13.24 7.32 9.23
N SER C 129 13.77 8.53 9.41
CA SER C 129 13.99 9.08 10.75
C SER C 129 12.73 9.44 11.53
N VAL C 130 11.60 9.56 10.85
CA VAL C 130 10.33 9.92 11.51
C VAL C 130 9.53 8.73 11.99
N GLN C 131 9.34 8.63 13.30
CA GLN C 131 8.58 7.52 13.85
C GLN C 131 8.12 7.79 15.29
N ALA C 132 7.21 6.95 15.77
CA ALA C 132 6.68 7.12 17.10
C ALA C 132 7.03 5.99 18.09
N TRP C 133 7.03 6.32 19.37
CA TRP C 133 7.30 5.35 20.41
C TRP C 133 6.44 5.56 21.65
N ASP C 134 5.70 4.53 22.06
CA ASP C 134 4.91 4.62 23.30
C ASP C 134 5.39 3.44 24.14
N ILE C 135 4.90 3.34 25.38
CA ILE C 135 5.34 2.27 26.27
C ILE C 135 4.88 0.85 25.90
N SER C 136 3.79 0.74 25.14
CA SER C 136 3.29 -0.57 24.75
C SER C 136 4.22 -1.21 23.74
N MET C 137 5.06 -0.41 23.11
CA MET C 137 6.02 -0.90 22.13
C MET C 137 7.27 -1.37 22.87
N THR C 138 8.19 -1.98 22.14
CA THR C 138 9.42 -2.47 22.74
C THR C 138 10.55 -1.44 22.59
N SER C 139 11.27 -1.23 23.69
CA SER C 139 12.40 -0.29 23.74
C SER C 139 12.82 -0.07 25.19
N MET D 1 -5.48 20.38 28.09
CA MET D 1 -5.15 19.90 26.72
C MET D 1 -3.91 19.03 26.73
N LEU D 2 -3.56 18.56 25.54
CA LEU D 2 -2.38 17.72 25.32
C LEU D 2 -1.14 18.60 25.53
N GLY D 3 -0.12 18.06 26.19
CA GLY D 3 1.10 18.81 26.43
C GLY D 3 2.18 18.48 25.41
N ILE D 4 3.06 19.42 25.13
CA ILE D 4 4.10 19.16 24.16
C ILE D 4 5.45 19.56 24.71
N VAL D 5 6.40 18.64 24.59
CA VAL D 5 7.77 18.89 25.02
C VAL D 5 8.67 18.64 23.79
N ILE D 6 9.38 19.67 23.35
CA ILE D 6 10.29 19.52 22.22
C ILE D 6 11.69 19.53 22.84
N ALA D 7 12.43 18.46 22.64
CA ALA D 7 13.77 18.36 23.21
C ALA D 7 14.78 18.02 22.12
N THR D 8 15.84 18.81 22.05
CA THR D 8 16.82 18.61 21.00
C THR D 8 18.22 19.01 21.42
N HIS D 9 19.19 18.76 20.54
CA HIS D 9 20.55 19.18 20.78
C HIS D 9 20.47 20.67 20.39
N GLY D 10 21.30 21.51 20.99
CA GLY D 10 21.28 22.92 20.63
C GLY D 10 19.91 23.57 20.82
N ALA D 11 19.67 24.67 20.11
CA ALA D 11 18.43 25.42 20.19
C ALA D 11 17.32 25.02 19.20
N LEU D 12 17.47 23.87 18.56
CA LEU D 12 16.47 23.41 17.59
C LEU D 12 15.05 23.44 18.14
N SER D 13 14.88 23.00 19.37
CA SER D 13 13.56 23.00 20.00
C SER D 13 13.06 24.44 20.06
N ASP D 14 13.95 25.37 20.37
CA ASP D 14 13.56 26.76 20.44
C ASP D 14 13.12 27.33 19.07
N GLY D 15 13.94 27.12 18.05
CA GLY D 15 13.62 27.58 16.72
C GLY D 15 12.32 26.99 16.18
N ALA D 16 12.03 25.74 16.52
CA ALA D 16 10.81 25.10 16.07
C ALA D 16 9.60 25.78 16.71
N LYS D 17 9.70 26.10 18.00
CA LYS D 17 8.60 26.77 18.69
C LYS D 17 8.47 28.19 18.11
N ASP D 18 9.61 28.78 17.77
CA ASP D 18 9.65 30.11 17.19
C ASP D 18 8.98 30.09 15.80
N ALA D 19 9.31 29.07 15.00
CA ALA D 19 8.73 28.97 13.65
C ALA D 19 7.23 28.79 13.75
N ALA D 20 6.79 27.97 14.71
CA ALA D 20 5.37 27.74 14.90
C ALA D 20 4.70 29.02 15.38
N THR D 21 5.40 29.82 16.19
CA THR D 21 4.79 31.05 16.67
C THR D 21 4.58 32.04 15.53
N VAL D 22 5.53 32.11 14.59
CA VAL D 22 5.41 33.00 13.45
C VAL D 22 4.15 32.67 12.62
N ILE D 23 3.88 31.39 12.43
CA ILE D 23 2.73 30.93 11.64
C ILE D 23 1.41 30.95 12.41
N MET D 24 1.46 30.45 13.63
CA MET D 24 0.29 30.33 14.50
C MET D 24 -0.12 31.61 15.23
N GLY D 25 0.87 32.43 15.57
CA GLY D 25 0.58 33.66 16.29
C GLY D 25 0.95 33.47 17.76
N ALA D 26 0.72 32.26 18.24
CA ALA D 26 1.01 31.94 19.63
C ALA D 26 0.79 30.45 19.86
N THR D 27 1.37 29.94 20.95
CA THR D 27 1.25 28.54 21.31
C THR D 27 1.07 28.43 22.81
N GLU D 28 0.49 27.32 23.23
CA GLU D 28 0.26 27.06 24.63
C GLU D 28 0.76 25.65 24.98
N ASN D 29 1.21 25.49 26.22
CA ASN D 29 1.75 24.24 26.75
C ASN D 29 2.78 23.55 25.88
N ILE D 30 3.70 24.33 25.34
CA ILE D 30 4.77 23.74 24.56
C ILE D 30 6.03 24.07 25.32
N GLU D 31 6.67 23.03 25.84
CA GLU D 31 7.89 23.18 26.61
C GLU D 31 9.06 22.83 25.72
N THR D 32 10.18 23.53 25.90
CA THR D 32 11.37 23.25 25.09
C THR D 32 12.54 22.90 25.97
N VAL D 33 13.32 21.91 25.53
CA VAL D 33 14.46 21.42 26.27
C VAL D 33 15.68 21.32 25.36
N ASN D 34 16.84 21.71 25.88
CA ASN D 34 18.06 21.70 25.09
C ASN D 34 19.22 20.90 25.69
N LEU D 35 20.00 20.28 24.82
CA LEU D 35 21.17 19.55 25.24
C LEU D 35 22.32 20.24 24.53
N ASN D 36 23.10 21.03 25.26
CA ASN D 36 24.23 21.75 24.69
C ASN D 36 25.56 21.12 25.05
N SER D 37 26.64 21.66 24.49
CA SER D 37 27.97 21.14 24.77
C SER D 37 28.31 21.21 26.24
N GLY D 38 28.81 20.10 26.78
CA GLY D 38 29.17 20.05 28.18
C GLY D 38 28.03 19.65 29.08
N ASP D 39 26.81 19.86 28.61
CA ASP D 39 25.63 19.49 29.39
C ASP D 39 25.69 18.02 29.80
N ASP D 40 25.51 17.78 31.09
CA ASP D 40 25.51 16.43 31.62
C ASP D 40 24.29 15.75 31.01
N VAL D 41 24.50 14.64 30.32
CA VAL D 41 23.37 13.95 29.73
C VAL D 41 22.31 13.61 30.77
N GLN D 42 22.73 13.36 32.01
CA GLN D 42 21.81 13.02 33.09
C GLN D 42 20.93 14.19 33.49
N ALA D 43 21.51 15.38 33.61
CA ALA D 43 20.72 16.54 33.97
C ALA D 43 19.73 16.91 32.86
N LEU D 44 19.85 16.26 31.70
CA LEU D 44 18.95 16.49 30.58
C LEU D 44 17.63 15.77 30.85
N GLY D 45 17.73 14.52 31.31
CA GLY D 45 16.53 13.76 31.65
C GLY D 45 15.77 14.49 32.75
N GLY D 46 16.50 15.15 33.64
CA GLY D 46 15.85 15.87 34.72
C GLY D 46 15.06 17.05 34.20
N GLN D 47 15.59 17.70 33.17
CA GLN D 47 14.90 18.83 32.56
C GLN D 47 13.69 18.35 31.76
N ILE D 48 13.85 17.19 31.13
CA ILE D 48 12.78 16.59 30.33
C ILE D 48 11.63 16.16 31.22
N LYS D 49 11.97 15.65 32.41
CA LYS D 49 10.97 15.20 33.36
C LYS D 49 10.17 16.41 33.86
N THR D 50 10.90 17.49 34.15
CA THR D 50 10.29 18.72 34.64
C THR D 50 9.38 19.35 33.58
N ALA D 51 9.90 19.41 32.36
CA ALA D 51 9.12 19.96 31.26
C ALA D 51 7.81 19.18 31.16
N ILE D 52 7.91 17.84 31.28
CA ILE D 52 6.73 16.99 31.21
C ILE D 52 5.74 17.36 32.30
N GLU D 53 6.25 17.62 33.49
CA GLU D 53 5.37 18.02 34.59
C GLU D 53 4.65 19.34 34.31
N ASN D 54 5.32 20.30 33.68
CA ASN D 54 4.68 21.60 33.40
C ASN D 54 3.57 21.59 32.35
N VAL D 55 3.41 20.48 31.63
CA VAL D 55 2.34 20.41 30.63
C VAL D 55 1.42 19.23 30.82
N GLN D 56 1.65 18.46 31.87
CA GLN D 56 0.83 17.29 32.19
C GLN D 56 -0.57 17.70 32.64
N GLN D 57 -1.58 17.51 31.80
CA GLN D 57 -2.93 17.89 32.16
C GLN D 57 -3.96 16.79 32.04
N GLY D 58 -3.50 15.55 32.08
CA GLY D 58 -4.40 14.43 31.98
C GLY D 58 -4.92 14.19 30.57
N ASP D 59 -4.35 14.88 29.58
CA ASP D 59 -4.80 14.70 28.20
C ASP D 59 -3.68 14.17 27.29
N GLY D 60 -2.61 13.65 27.90
CA GLY D 60 -1.49 13.12 27.14
C GLY D 60 -0.38 14.13 26.95
N VAL D 61 0.84 13.65 26.85
CA VAL D 61 1.98 14.51 26.63
C VAL D 61 2.72 13.91 25.44
N LEU D 62 3.21 14.76 24.57
CA LEU D 62 3.93 14.32 23.39
C LEU D 62 5.34 14.88 23.46
N VAL D 63 6.32 13.99 23.42
CA VAL D 63 7.71 14.40 23.47
C VAL D 63 8.31 14.26 22.09
N MET D 64 8.56 15.41 21.49
CA MET D 64 9.12 15.48 20.16
C MET D 64 10.61 15.71 20.31
N VAL D 65 11.38 14.74 19.85
CA VAL D 65 12.82 14.82 19.92
C VAL D 65 13.36 14.91 18.50
N ASP D 66 14.58 15.39 18.40
CA ASP D 66 15.24 15.58 17.12
C ASP D 66 15.70 14.29 16.47
N LEU D 67 16.58 13.57 17.15
CA LEU D 67 17.18 12.34 16.65
C LEU D 67 16.81 11.07 17.39
N LEU D 68 16.45 10.04 16.64
CA LEU D 68 16.11 8.74 17.22
C LEU D 68 17.39 8.06 17.69
N SER D 69 17.42 7.65 18.95
CA SER D 69 18.57 6.97 19.58
C SER D 69 19.68 7.86 20.13
N ALA D 70 19.52 9.17 20.03
CA ALA D 70 20.53 10.07 20.57
C ALA D 70 20.09 10.44 22.00
N SER D 71 20.93 11.18 22.71
CA SER D 71 20.60 11.53 24.10
C SER D 71 19.19 12.05 24.41
N PRO D 72 18.67 13.02 23.63
CA PRO D 72 17.32 13.50 23.95
C PRO D 72 16.29 12.37 23.96
N TYR D 73 16.34 11.52 22.95
CA TYR D 73 15.42 10.39 22.86
C TYR D 73 15.63 9.40 24.01
N ASN D 74 16.86 8.97 24.21
CA ASN D 74 17.16 8.01 25.26
C ASN D 74 16.72 8.49 26.63
N GLN D 75 17.00 9.74 26.95
CA GLN D 75 16.60 10.31 28.23
C GLN D 75 15.07 10.38 28.34
N ALA D 76 14.40 10.73 27.25
CA ALA D 76 12.96 10.82 27.31
C ALA D 76 12.44 9.46 27.72
N VAL D 77 12.84 8.44 26.96
CA VAL D 77 12.43 7.07 27.24
C VAL D 77 12.72 6.66 28.68
N LEU D 78 13.91 6.98 29.17
CA LEU D 78 14.28 6.66 30.55
C LEU D 78 13.37 7.39 31.53
N VAL D 79 13.11 8.67 31.29
CA VAL D 79 12.25 9.44 32.18
C VAL D 79 10.86 8.80 32.25
N ILE D 80 10.29 8.52 31.10
CA ILE D 80 8.96 7.92 31.02
C ILE D 80 8.94 6.62 31.84
N ASN D 81 10.00 5.82 31.70
CA ASN D 81 10.10 4.54 32.42
C ASN D 81 10.11 4.71 33.92
N GLU D 82 10.28 5.95 34.38
CA GLU D 82 10.30 6.23 35.81
C GLU D 82 8.91 6.57 36.37
N LEU D 83 8.12 7.30 35.59
CA LEU D 83 6.77 7.74 35.97
C LEU D 83 5.80 6.66 36.41
N GLU D 84 4.71 7.08 37.05
CA GLU D 84 3.66 6.16 37.47
C GLU D 84 3.29 5.36 36.24
N PRO D 85 3.13 4.04 36.37
CA PRO D 85 2.77 3.25 35.19
C PRO D 85 1.56 3.85 34.47
N ALA D 86 0.57 4.27 35.24
CA ALA D 86 -0.64 4.85 34.69
C ALA D 86 -0.36 6.01 33.74
N LEU D 87 0.60 6.87 34.10
CA LEU D 87 0.92 8.02 33.27
C LEU D 87 1.60 7.65 31.95
N GLN D 88 2.50 6.67 31.99
CA GLN D 88 3.21 6.23 30.80
C GLN D 88 2.31 5.89 29.65
N LYS D 89 1.07 5.55 29.95
CA LYS D 89 0.13 5.18 28.91
C LYS D 89 -0.23 6.37 28.02
N LYS D 90 -0.16 7.56 28.58
CA LYS D 90 -0.52 8.75 27.82
C LYS D 90 0.64 9.61 27.37
N ILE D 91 1.84 9.04 27.35
CA ILE D 91 3.00 9.78 26.88
C ILE D 91 3.60 9.11 25.66
N PHE D 92 3.68 9.87 24.58
CA PHE D 92 4.23 9.39 23.32
C PHE D 92 5.41 10.20 22.90
N VAL D 93 6.40 9.52 22.33
CA VAL D 93 7.64 10.12 21.85
C VAL D 93 7.79 9.96 20.33
N VAL D 94 7.87 11.07 19.60
CA VAL D 94 8.08 10.97 18.16
C VAL D 94 9.45 11.55 17.89
N SER D 95 10.18 10.98 16.93
CA SER D 95 11.51 11.48 16.63
C SER D 95 11.62 12.01 15.21
N GLY D 96 12.73 12.68 14.92
CA GLY D 96 12.94 13.26 13.60
C GLY D 96 11.91 14.35 13.35
N THR D 97 11.44 14.98 14.42
CA THR D 97 10.42 16.03 14.31
C THR D 97 10.84 17.21 13.45
N ASN D 98 9.91 17.69 12.62
CA ASN D 98 10.12 18.85 11.75
C ASN D 98 8.98 19.85 11.96
N LEU D 99 9.01 21.00 11.27
CA LEU D 99 7.96 21.99 11.47
C LEU D 99 6.56 21.42 11.23
N PRO D 100 6.38 20.67 10.13
CA PRO D 100 5.05 20.10 9.87
C PRO D 100 4.52 19.26 11.06
N MET D 101 5.35 18.39 11.64
CA MET D 101 4.92 17.59 12.77
C MET D 101 4.55 18.49 13.94
N VAL D 102 5.35 19.54 14.17
CA VAL D 102 5.02 20.44 15.26
C VAL D 102 3.70 21.15 14.96
N LEU D 103 3.48 21.60 13.73
CA LEU D 103 2.20 22.24 13.40
C LEU D 103 1.05 21.25 13.50
N GLU D 104 1.34 19.99 13.20
CA GLU D 104 0.33 18.94 13.28
C GLU D 104 -0.03 18.72 14.76
N ALA D 105 0.98 18.78 15.63
CA ALA D 105 0.79 18.58 17.06
C ALA D 105 -0.10 19.66 17.68
N ILE D 106 0.17 20.91 17.33
CA ILE D 106 -0.62 22.02 17.84
C ILE D 106 -2.06 21.83 17.42
N ASN D 107 -2.26 21.35 16.19
CA ASN D 107 -3.60 21.14 15.67
C ASN D 107 -4.40 20.11 16.47
N HIS D 108 -3.76 19.00 16.86
CA HIS D 108 -4.43 17.97 17.65
C HIS D 108 -4.60 18.44 19.08
N GLN D 109 -3.68 19.28 19.50
CA GLN D 109 -3.75 19.82 20.85
C GLN D 109 -5.08 20.56 20.91
N LEU D 110 -5.41 21.24 19.80
CA LEU D 110 -6.63 22.02 19.68
C LEU D 110 -7.85 21.14 19.51
N LEU D 111 -7.75 20.14 18.66
CA LEU D 111 -8.88 19.25 18.45
C LEU D 111 -9.15 18.39 19.68
N GLY D 112 -8.17 18.27 20.56
CA GLY D 112 -8.33 17.42 21.73
C GLY D 112 -8.30 15.96 21.32
N THR D 113 -7.64 15.68 20.21
CA THR D 113 -7.54 14.31 19.69
C THR D 113 -6.84 13.39 20.68
N PRO D 114 -7.26 12.12 20.77
CA PRO D 114 -6.62 11.18 21.69
C PRO D 114 -5.14 11.03 21.29
N ILE D 115 -4.25 11.07 22.29
CA ILE D 115 -2.82 10.99 22.07
C ILE D 115 -2.34 9.86 21.16
N ALA D 116 -2.96 8.69 21.24
CA ALA D 116 -2.52 7.57 20.38
C ALA D 116 -2.85 7.82 18.92
N GLU D 117 -3.99 8.46 18.69
CA GLU D 117 -4.43 8.77 17.34
C GLU D 117 -3.60 9.93 16.78
N ALA D 118 -3.30 10.91 17.63
CA ALA D 118 -2.52 12.07 17.19
C ALA D 118 -1.11 11.67 16.76
N ALA D 119 -0.47 10.80 17.53
CA ALA D 119 0.89 10.34 17.23
C ALA D 119 1.01 9.79 15.83
N GLN D 120 0.13 8.87 15.47
CA GLN D 120 0.17 8.28 14.14
C GLN D 120 0.00 9.35 13.07
N ALA D 121 -0.97 10.23 13.28
CA ALA D 121 -1.24 11.31 12.35
C ALA D 121 -0.03 12.23 12.21
N ILE D 122 0.62 12.51 13.34
CA ILE D 122 1.80 13.38 13.33
C ILE D 122 2.89 12.75 12.49
N VAL D 123 3.16 11.47 12.74
CA VAL D 123 4.18 10.73 11.99
C VAL D 123 3.91 10.68 10.48
N ALA D 124 2.65 10.52 10.08
CA ALA D 124 2.33 10.46 8.64
C ALA D 124 2.51 11.81 7.98
N GLN D 125 2.14 12.85 8.70
CA GLN D 125 2.28 14.19 8.17
C GLN D 125 3.76 14.47 8.05
N GLY D 126 4.52 14.00 9.05
CA GLY D 126 5.96 14.19 9.06
C GLY D 126 6.66 13.63 7.84
N LYS D 127 6.32 12.40 7.51
CA LYS D 127 6.90 11.71 6.35
C LYS D 127 6.44 12.34 5.04
N GLU D 128 5.15 12.60 4.93
CA GLU D 128 4.55 13.20 3.74
C GLU D 128 5.21 14.53 3.35
N SER D 129 5.54 15.34 4.34
CA SER D 129 6.13 16.64 4.09
C SER D 129 7.58 16.60 3.61
N VAL D 130 8.19 15.43 3.67
CA VAL D 130 9.57 15.28 3.25
C VAL D 130 9.62 14.91 1.76
N GLN D 131 10.16 15.80 0.96
CA GLN D 131 10.29 15.56 -0.47
C GLN D 131 11.22 16.58 -1.11
N ALA D 132 11.67 16.28 -2.33
CA ALA D 132 12.61 17.16 -3.03
C ALA D 132 12.05 17.77 -4.32
N TRP D 133 12.63 18.90 -4.73
CA TRP D 133 12.22 19.58 -5.96
C TRP D 133 13.45 20.10 -6.68
N ASP D 134 13.42 20.04 -8.01
CA ASP D 134 14.52 20.55 -8.81
C ASP D 134 14.03 20.96 -10.18
N ILE D 135 14.77 21.89 -10.78
CA ILE D 135 14.45 22.44 -12.08
C ILE D 135 14.00 21.42 -13.12
N SER D 136 14.43 20.17 -12.97
CA SER D 136 14.03 19.15 -13.93
C SER D 136 12.50 19.09 -14.02
N MET D 137 11.82 19.42 -12.91
CA MET D 137 10.36 19.41 -12.90
C MET D 137 9.80 20.61 -13.65
N THR D 138 10.69 21.46 -14.11
CA THR D 138 10.31 22.66 -14.83
C THR D 138 10.87 22.64 -16.26
N SER D 139 11.85 21.77 -16.49
CA SER D 139 12.51 21.64 -17.77
C SER D 139 11.84 20.71 -18.77
N PHE D 140 11.73 21.19 -20.00
CA PHE D 140 11.11 20.42 -21.08
C PHE D 140 12.03 20.44 -22.30
N MET E 1 11.26 -46.07 0.97
CA MET E 1 11.75 -44.72 0.59
C MET E 1 11.19 -43.64 1.51
N LEU E 2 11.99 -42.61 1.74
CA LEU E 2 11.57 -41.50 2.58
C LEU E 2 10.33 -40.91 1.92
N GLY E 3 9.27 -40.75 2.68
CA GLY E 3 8.06 -40.19 2.12
C GLY E 3 8.05 -38.68 2.28
N ILE E 4 7.47 -37.97 1.32
CA ILE E 4 7.43 -36.52 1.39
C ILE E 4 6.02 -35.98 1.20
N VAL E 5 5.56 -35.18 2.14
CA VAL E 5 4.24 -34.58 2.03
C VAL E 5 4.44 -33.08 2.12
N ILE E 6 4.04 -32.38 1.06
CA ILE E 6 4.14 -30.93 1.02
C ILE E 6 2.73 -30.38 1.20
N ALA E 7 2.54 -29.59 2.26
CA ALA E 7 1.23 -29.01 2.56
C ALA E 7 1.31 -27.49 2.69
N THR E 8 0.49 -26.81 1.90
CA THR E 8 0.49 -25.36 1.85
C THR E 8 -0.88 -24.76 1.63
N HIS E 9 -0.97 -23.44 1.73
CA HIS E 9 -2.20 -22.74 1.45
C HIS E 9 -2.16 -22.69 -0.08
N GLY E 10 -3.31 -22.82 -0.73
CA GLY E 10 -3.33 -22.74 -2.18
C GLY E 10 -2.46 -23.76 -2.88
N ALA E 11 -2.22 -23.53 -4.17
CA ALA E 11 -1.43 -24.42 -5.02
C ALA E 11 0.09 -24.33 -4.87
N LEU E 12 0.57 -23.81 -3.75
CA LEU E 12 2.01 -23.70 -3.55
C LEU E 12 2.68 -25.08 -3.50
N SER E 13 2.02 -26.04 -2.88
CA SER E 13 2.59 -27.37 -2.76
C SER E 13 2.79 -27.95 -4.16
N ASP E 14 1.81 -27.77 -5.02
CA ASP E 14 1.90 -28.28 -6.38
C ASP E 14 2.96 -27.57 -7.22
N GLY E 15 3.04 -26.25 -7.11
CA GLY E 15 4.05 -25.53 -7.86
C GLY E 15 5.44 -25.94 -7.40
N ALA E 16 5.58 -26.25 -6.11
CA ALA E 16 6.86 -26.67 -5.57
C ALA E 16 7.28 -27.98 -6.20
N LYS E 17 6.35 -28.93 -6.25
CA LYS E 17 6.62 -30.23 -6.83
C LYS E 17 6.82 -30.12 -8.33
N ASP E 18 6.11 -29.18 -8.95
CA ASP E 18 6.21 -28.95 -10.39
C ASP E 18 7.65 -28.52 -10.69
N ALA E 19 8.14 -27.52 -9.97
CA ALA E 19 9.51 -27.03 -10.15
C ALA E 19 10.56 -28.12 -9.88
N ALA E 20 10.27 -29.01 -8.94
CA ALA E 20 11.19 -30.09 -8.58
C ALA E 20 11.24 -31.09 -9.74
N THR E 21 10.10 -31.32 -10.36
CA THR E 21 10.02 -32.23 -11.46
C THR E 21 10.72 -31.62 -12.67
N VAL E 22 10.65 -30.30 -12.80
CA VAL E 22 11.31 -29.64 -13.93
C VAL E 22 12.83 -29.82 -13.84
N ILE E 23 13.34 -29.85 -12.62
CA ILE E 23 14.78 -29.99 -12.42
C ILE E 23 15.29 -31.42 -12.25
N MET E 24 14.60 -32.21 -11.43
CA MET E 24 14.99 -33.58 -11.15
C MET E 24 14.47 -34.59 -12.18
N GLY E 25 13.57 -34.15 -13.04
CA GLY E 25 13.03 -35.04 -14.05
C GLY E 25 11.77 -35.78 -13.62
N ALA E 26 11.79 -36.40 -12.46
CA ALA E 26 10.63 -37.15 -11.98
C ALA E 26 10.84 -37.51 -10.53
N THR E 27 9.85 -37.17 -9.71
CA THR E 27 9.92 -37.44 -8.28
C THR E 27 9.15 -38.71 -7.95
N GLU E 28 9.37 -39.23 -6.75
CA GLU E 28 8.67 -40.44 -6.31
C GLU E 28 8.32 -40.32 -4.84
N ASN E 29 7.15 -40.87 -4.49
CA ASN E 29 6.69 -40.88 -3.13
C ASN E 29 6.58 -39.47 -2.53
N ILE E 30 6.11 -38.53 -3.34
CA ILE E 30 5.91 -37.13 -2.94
C ILE E 30 4.43 -36.80 -3.10
N GLU E 31 3.81 -36.44 -1.97
CA GLU E 31 2.38 -36.10 -1.92
C GLU E 31 2.17 -34.59 -1.71
N THR E 32 1.10 -34.03 -2.28
CA THR E 32 0.82 -32.60 -2.11
C THR E 32 -0.59 -32.33 -1.60
N VAL E 33 -0.70 -31.52 -0.55
CA VAL E 33 -1.97 -31.16 0.07
C VAL E 33 -2.25 -29.66 -0.08
N ASN E 34 -3.52 -29.29 -0.28
CA ASN E 34 -3.90 -27.89 -0.47
C ASN E 34 -5.04 -27.38 0.40
N LEU E 35 -4.84 -26.19 0.96
CA LEU E 35 -5.84 -25.53 1.78
C LEU E 35 -6.25 -24.24 1.04
N ASN E 36 -7.44 -24.25 0.43
CA ASN E 36 -7.93 -23.09 -0.31
C ASN E 36 -8.99 -22.32 0.44
N SER E 37 -9.42 -21.20 -0.12
CA SER E 37 -10.43 -20.35 0.51
C SER E 37 -11.73 -21.11 0.74
N GLY E 38 -12.27 -21.01 1.95
CA GLY E 38 -13.51 -21.70 2.25
C GLY E 38 -13.36 -23.07 2.90
N ASP E 39 -12.37 -23.83 2.43
CA ASP E 39 -12.09 -25.18 2.94
C ASP E 39 -12.07 -25.24 4.46
N ASP E 40 -12.69 -26.27 5.03
CA ASP E 40 -12.75 -26.44 6.47
C ASP E 40 -11.35 -26.79 6.97
N VAL E 41 -10.78 -25.91 7.79
CA VAL E 41 -9.44 -26.12 8.32
C VAL E 41 -9.30 -27.46 8.99
N GLN E 42 -10.42 -28.05 9.39
CA GLN E 42 -10.39 -29.34 10.06
C GLN E 42 -10.18 -30.46 9.03
N ALA E 43 -10.87 -30.37 7.89
CA ALA E 43 -10.76 -31.36 6.82
C ALA E 43 -9.34 -31.47 6.27
N LEU E 44 -8.56 -30.40 6.46
CA LEU E 44 -7.18 -30.37 6.00
C LEU E 44 -6.36 -31.42 6.78
N GLY E 45 -6.48 -31.41 8.10
CA GLY E 45 -5.74 -32.36 8.92
C GLY E 45 -6.01 -33.80 8.53
N GLY E 46 -7.19 -34.05 7.96
CA GLY E 46 -7.54 -35.39 7.53
C GLY E 46 -6.76 -35.76 6.29
N GLN E 47 -6.71 -34.82 5.35
CA GLN E 47 -6.00 -35.04 4.09
C GLN E 47 -4.51 -35.26 4.35
N ILE E 48 -3.97 -34.59 5.36
CA ILE E 48 -2.56 -34.73 5.70
C ILE E 48 -2.26 -36.12 6.25
N LYS E 49 -3.18 -36.65 7.07
CA LYS E 49 -3.02 -37.99 7.64
C LYS E 49 -2.99 -38.98 6.48
N THR E 50 -3.97 -38.87 5.60
CA THR E 50 -4.04 -39.76 4.44
C THR E 50 -2.77 -39.66 3.61
N ALA E 51 -2.23 -38.46 3.48
CA ALA E 51 -1.03 -38.23 2.71
C ALA E 51 0.16 -38.95 3.32
N ILE E 52 0.30 -38.87 4.65
CA ILE E 52 1.41 -39.51 5.31
C ILE E 52 1.34 -41.01 5.05
N GLU E 53 0.16 -41.59 5.27
CA GLU E 53 -0.08 -43.01 5.06
C GLU E 53 0.33 -43.48 3.66
N ASN E 54 -0.11 -42.75 2.65
CA ASN E 54 0.19 -43.09 1.26
C ASN E 54 1.66 -42.91 0.91
N VAL E 55 2.41 -42.31 1.83
CA VAL E 55 3.80 -42.03 1.58
C VAL E 55 4.76 -42.71 2.54
N GLN E 56 4.25 -43.18 3.67
CA GLN E 56 5.07 -43.86 4.68
C GLN E 56 5.32 -45.30 4.25
N GLN E 57 6.57 -45.63 4.00
CA GLN E 57 6.93 -46.97 3.56
C GLN E 57 7.98 -47.58 4.47
N GLY E 58 8.06 -47.09 5.69
CA GLY E 58 9.02 -47.63 6.64
C GLY E 58 10.24 -46.77 6.91
N ASP E 59 10.45 -45.75 6.10
CA ASP E 59 11.60 -44.87 6.28
C ASP E 59 11.29 -43.56 7.00
N GLY E 60 10.02 -43.24 7.14
CA GLY E 60 9.65 -42.01 7.79
C GLY E 60 9.02 -41.03 6.81
N VAL E 61 8.51 -39.93 7.33
CA VAL E 61 7.87 -38.95 6.47
C VAL E 61 8.22 -37.51 6.81
N LEU E 62 8.52 -36.77 5.77
CA LEU E 62 8.82 -35.35 5.89
C LEU E 62 7.59 -34.60 5.42
N VAL E 63 6.96 -33.89 6.36
CA VAL E 63 5.78 -33.08 6.09
C VAL E 63 6.30 -31.65 5.99
N MET E 64 6.45 -31.16 4.77
CA MET E 64 6.96 -29.82 4.57
C MET E 64 5.82 -28.84 4.37
N VAL E 65 5.79 -27.82 5.22
CA VAL E 65 4.75 -26.83 5.12
C VAL E 65 5.31 -25.46 4.77
N ASP E 66 4.42 -24.59 4.33
CA ASP E 66 4.80 -23.24 3.93
C ASP E 66 5.10 -22.30 5.07
N LEU E 67 4.15 -22.19 5.99
CA LEU E 67 4.23 -21.24 7.08
C LEU E 67 4.16 -21.82 8.48
N LEU E 68 5.12 -21.45 9.32
CA LEU E 68 5.15 -21.90 10.69
C LEU E 68 3.92 -21.40 11.46
N SER E 69 3.42 -22.25 12.34
CA SER E 69 2.26 -21.92 13.17
C SER E 69 0.98 -21.56 12.44
N ALA E 70 0.88 -21.90 11.16
CA ALA E 70 -0.34 -21.64 10.38
C ALA E 70 -1.15 -22.93 10.30
N SER E 71 -2.33 -22.88 9.68
CA SER E 71 -3.19 -24.06 9.60
C SER E 71 -2.48 -25.32 9.16
N PRO E 72 -1.87 -25.32 7.95
CA PRO E 72 -1.18 -26.54 7.50
C PRO E 72 -0.21 -27.08 8.56
N TYR E 73 0.53 -26.21 9.20
CA TYR E 73 1.48 -26.65 10.21
C TYR E 73 0.79 -27.19 11.48
N ASN E 74 -0.29 -26.55 11.90
CA ASN E 74 -1.01 -26.97 13.09
C ASN E 74 -1.76 -28.29 12.90
N GLN E 75 -2.35 -28.47 11.73
CA GLN E 75 -3.08 -29.70 11.44
C GLN E 75 -2.07 -30.85 11.23
N ALA E 76 -0.83 -30.50 10.88
CA ALA E 76 0.19 -31.50 10.66
C ALA E 76 0.60 -32.00 12.04
N VAL E 77 0.83 -31.06 12.95
CA VAL E 77 1.22 -31.40 14.31
C VAL E 77 0.13 -32.25 14.97
N LEU E 78 -1.12 -31.89 14.70
CA LEU E 78 -2.27 -32.60 15.24
C LEU E 78 -2.23 -34.07 14.82
N VAL E 79 -2.19 -34.30 13.53
CA VAL E 79 -2.14 -35.63 12.97
C VAL E 79 -0.97 -36.45 13.54
N ILE E 80 0.22 -35.85 13.57
CA ILE E 80 1.39 -36.56 14.07
C ILE E 80 1.17 -37.18 15.43
N ASN E 81 1.00 -36.38 16.49
CA ASN E 81 0.79 -37.00 17.80
C ASN E 81 -0.63 -37.50 17.97
N GLU E 82 -0.94 -38.50 17.16
CA GLU E 82 -2.23 -39.18 17.12
C GLU E 82 -1.89 -40.47 16.37
N LEU E 83 -0.64 -40.54 15.91
CA LEU E 83 -0.12 -41.69 15.19
C LEU E 83 0.56 -42.59 16.18
N GLU E 84 0.69 -43.87 15.83
CA GLU E 84 1.34 -44.83 16.72
C GLU E 84 2.66 -44.22 17.17
N PRO E 85 2.87 -44.13 18.49
CA PRO E 85 4.09 -43.57 19.07
C PRO E 85 5.34 -43.84 18.26
N ALA E 86 5.60 -45.12 17.98
CA ALA E 86 6.80 -45.51 17.22
C ALA E 86 6.87 -44.80 15.88
N LEU E 87 5.71 -44.64 15.25
CA LEU E 87 5.64 -43.98 13.95
C LEU E 87 5.96 -42.49 14.04
N GLN E 88 5.28 -41.80 14.96
CA GLN E 88 5.48 -40.36 15.13
C GLN E 88 6.88 -39.91 15.47
N LYS E 89 7.78 -40.87 15.70
CA LYS E 89 9.16 -40.51 16.00
C LYS E 89 9.98 -40.44 14.73
N LYS E 90 9.37 -40.86 13.62
CA LYS E 90 10.03 -40.81 12.33
C LYS E 90 9.28 -39.89 11.36
N ILE E 91 8.63 -38.87 11.91
CA ILE E 91 7.91 -37.89 11.10
C ILE E 91 8.33 -36.48 11.53
N PHE E 92 8.82 -35.70 10.57
CA PHE E 92 9.25 -34.33 10.86
C PHE E 92 8.53 -33.29 10.02
N VAL E 93 8.24 -32.14 10.63
CA VAL E 93 7.59 -31.04 9.94
C VAL E 93 8.59 -29.88 9.77
N VAL E 94 8.91 -29.51 8.53
CA VAL E 94 9.84 -28.41 8.27
C VAL E 94 9.04 -27.21 7.73
N SER E 95 9.39 -26.02 8.22
CA SER E 95 8.69 -24.80 7.83
C SER E 95 9.46 -23.90 6.88
N GLY E 96 8.72 -22.98 6.26
CA GLY E 96 9.33 -22.06 5.31
C GLY E 96 9.92 -22.82 4.15
N THR E 97 9.23 -23.88 3.72
CA THR E 97 9.74 -24.68 2.62
C THR E 97 9.90 -23.88 1.35
N ASN E 98 11.09 -23.99 0.75
CA ASN E 98 11.40 -23.32 -0.51
C ASN E 98 11.88 -24.42 -1.50
N LEU E 99 12.24 -24.05 -2.73
CA LEU E 99 12.67 -25.07 -3.69
C LEU E 99 13.94 -25.79 -3.24
N PRO E 100 14.92 -25.05 -2.71
CA PRO E 100 16.16 -25.71 -2.27
C PRO E 100 15.86 -26.84 -1.27
N MET E 101 14.98 -26.57 -0.32
CA MET E 101 14.60 -27.56 0.70
C MET E 101 13.98 -28.82 0.09
N VAL E 102 13.14 -28.63 -0.92
CA VAL E 102 12.49 -29.74 -1.58
C VAL E 102 13.53 -30.59 -2.33
N LEU E 103 14.44 -29.93 -3.06
CA LEU E 103 15.45 -30.67 -3.80
C LEU E 103 16.34 -31.45 -2.85
N GLU E 104 16.65 -30.84 -1.71
CA GLU E 104 17.49 -31.44 -0.69
C GLU E 104 16.80 -32.70 -0.16
N ALA E 105 15.53 -32.57 0.20
CA ALA E 105 14.78 -33.71 0.70
C ALA E 105 14.82 -34.84 -0.35
N ILE E 106 14.40 -34.54 -1.57
CA ILE E 106 14.41 -35.54 -2.65
C ILE E 106 15.78 -36.21 -2.70
N ASN E 107 16.82 -35.45 -2.45
CA ASN E 107 18.17 -35.99 -2.46
C ASN E 107 18.33 -37.05 -1.38
N HIS E 108 17.83 -36.75 -0.18
CA HIS E 108 17.90 -37.71 0.91
C HIS E 108 17.00 -38.90 0.64
N GLN E 109 15.90 -38.69 -0.08
CA GLN E 109 15.05 -39.81 -0.42
C GLN E 109 15.95 -40.84 -1.12
N LEU E 110 16.73 -40.37 -2.09
CA LEU E 110 17.62 -41.25 -2.84
C LEU E 110 18.85 -41.76 -2.08
N LEU E 111 19.20 -41.12 -0.98
CA LEU E 111 20.37 -41.57 -0.20
C LEU E 111 19.93 -42.43 0.99
N GLY E 112 18.63 -42.60 1.17
CA GLY E 112 18.14 -43.39 2.29
C GLY E 112 18.55 -42.81 3.63
N THR E 113 18.89 -41.52 3.63
CA THR E 113 19.31 -40.82 4.84
C THR E 113 18.22 -40.87 5.90
N PRO E 114 18.60 -41.12 7.16
CA PRO E 114 17.72 -41.21 8.33
C PRO E 114 17.04 -39.87 8.50
N ILE E 115 15.72 -39.86 8.35
CA ILE E 115 14.92 -38.64 8.41
C ILE E 115 15.36 -37.59 9.43
N ALA E 116 15.79 -38.02 10.61
CA ALA E 116 16.22 -37.06 11.63
C ALA E 116 17.45 -36.30 11.13
N GLU E 117 18.40 -37.02 10.54
CA GLU E 117 19.59 -36.40 10.02
C GLU E 117 19.25 -35.55 8.78
N ALA E 118 18.26 -36.01 8.01
CA ALA E 118 17.81 -35.33 6.80
C ALA E 118 17.12 -34.00 7.13
N ALA E 119 16.21 -34.02 8.10
CA ALA E 119 15.52 -32.79 8.48
C ALA E 119 16.55 -31.74 8.89
N GLN E 120 17.56 -32.17 9.63
CA GLN E 120 18.60 -31.25 10.07
C GLN E 120 19.33 -30.65 8.89
N ALA E 121 19.60 -31.48 7.89
CA ALA E 121 20.31 -31.02 6.69
C ALA E 121 19.41 -30.12 5.83
N ILE E 122 18.15 -30.50 5.71
CA ILE E 122 17.24 -29.71 4.90
C ILE E 122 17.06 -28.30 5.47
N VAL E 123 16.93 -28.19 6.80
CA VAL E 123 16.80 -26.89 7.45
C VAL E 123 18.06 -26.06 7.19
N ALA E 124 19.22 -26.69 7.32
CA ALA E 124 20.50 -26.05 7.10
C ALA E 124 20.62 -25.45 5.71
N GLN E 125 20.24 -26.22 4.70
CA GLN E 125 20.32 -25.78 3.33
C GLN E 125 19.30 -24.67 3.09
N GLY E 126 18.09 -24.88 3.62
CA GLY E 126 17.03 -23.90 3.46
C GLY E 126 17.46 -22.49 3.80
N LYS E 127 18.11 -22.34 4.96
CA LYS E 127 18.56 -21.04 5.43
C LYS E 127 19.65 -20.45 4.55
N GLU E 128 20.63 -21.26 4.22
CA GLU E 128 21.74 -20.79 3.41
C GLU E 128 21.29 -20.36 2.02
N SER E 129 20.21 -20.94 1.52
CA SER E 129 19.72 -20.60 0.19
C SER E 129 18.99 -19.25 0.10
N VAL E 130 18.56 -18.72 1.24
CA VAL E 130 17.86 -17.44 1.29
C VAL E 130 18.85 -16.27 1.35
N GLN E 131 18.93 -15.48 0.29
CA GLN E 131 19.83 -14.33 0.25
C GLN E 131 19.52 -13.31 -0.86
N ALA E 132 20.11 -12.13 -0.75
CA ALA E 132 19.85 -11.09 -1.71
C ALA E 132 21.04 -10.65 -2.52
N TRP E 133 20.75 -10.29 -3.77
CA TRP E 133 21.77 -9.82 -4.68
C TRP E 133 21.24 -8.51 -5.25
N ASP E 134 22.14 -7.54 -5.45
CA ASP E 134 21.76 -6.26 -6.04
C ASP E 134 22.95 -5.75 -6.84
N ILE E 135 22.72 -4.88 -7.81
CA ILE E 135 23.77 -4.38 -8.68
C ILE E 135 25.02 -3.80 -8.01
N SER E 136 24.92 -3.36 -6.76
CA SER E 136 26.09 -2.79 -6.08
C SER E 136 27.25 -3.79 -5.97
N MET E 137 26.91 -5.08 -5.94
CA MET E 137 27.91 -6.14 -5.82
C MET E 137 28.82 -6.33 -7.05
N THR E 138 28.44 -5.79 -8.19
CA THR E 138 29.29 -5.89 -9.38
C THR E 138 29.68 -4.48 -9.81
N SER E 139 29.62 -3.54 -8.88
CA SER E 139 29.98 -2.15 -9.17
C SER E 139 31.31 -1.81 -8.51
N PHE E 140 32.21 -1.22 -9.28
CA PHE E 140 33.52 -0.86 -8.76
C PHE E 140 33.80 0.59 -9.10
N MET F 1 4.26 2.26 -6.13
CA MET F 1 4.30 1.10 -5.20
C MET F 1 5.35 0.10 -5.66
N LEU F 2 6.05 -0.49 -4.70
CA LEU F 2 7.10 -1.48 -4.97
C LEU F 2 6.56 -2.64 -5.81
N GLY F 3 7.30 -3.00 -6.85
CA GLY F 3 6.88 -4.08 -7.70
C GLY F 3 7.48 -5.42 -7.29
N ILE F 4 6.81 -6.51 -7.62
CA ILE F 4 7.33 -7.83 -7.29
C ILE F 4 7.23 -8.78 -8.47
N VAL F 5 8.34 -9.42 -8.79
CA VAL F 5 8.37 -10.39 -9.86
C VAL F 5 8.82 -11.72 -9.27
N ILE F 6 7.97 -12.73 -9.34
CA ILE F 6 8.33 -14.07 -8.84
C ILE F 6 8.67 -14.94 -10.05
N ALA F 7 9.93 -15.33 -10.17
CA ALA F 7 10.39 -16.14 -11.29
C ALA F 7 10.97 -17.45 -10.81
N THR F 8 10.41 -18.56 -11.27
CA THR F 8 10.87 -19.87 -10.82
C THR F 8 10.81 -20.88 -11.94
N HIS F 9 11.13 -22.13 -11.61
CA HIS F 9 11.03 -23.23 -12.57
C HIS F 9 9.59 -23.64 -12.41
N GLY F 10 8.95 -23.99 -13.52
CA GLY F 10 7.56 -24.43 -13.45
C GLY F 10 6.55 -23.52 -12.80
N ALA F 11 5.51 -24.11 -12.22
CA ALA F 11 4.45 -23.33 -11.62
C ALA F 11 4.69 -22.82 -10.20
N LEU F 12 5.92 -22.93 -9.70
CA LEU F 12 6.21 -22.45 -8.35
C LEU F 12 5.88 -20.95 -8.17
N SER F 13 6.24 -20.11 -9.14
CA SER F 13 5.98 -18.67 -9.02
C SER F 13 4.49 -18.39 -8.80
N ASP F 14 3.66 -19.00 -9.65
CA ASP F 14 2.21 -18.86 -9.56
C ASP F 14 1.63 -19.42 -8.27
N GLY F 15 2.12 -20.59 -7.88
CA GLY F 15 1.62 -21.22 -6.67
C GLY F 15 1.82 -20.36 -5.47
N ALA F 16 2.99 -19.73 -5.38
CA ALA F 16 3.32 -18.86 -4.28
C ALA F 16 2.38 -17.64 -4.29
N LYS F 17 2.12 -17.12 -5.48
CA LYS F 17 1.23 -15.96 -5.59
C LYS F 17 -0.18 -16.34 -5.18
N ASP F 18 -0.57 -17.57 -5.50
CA ASP F 18 -1.89 -18.08 -5.13
C ASP F 18 -1.93 -18.31 -3.63
N ALA F 19 -0.81 -18.74 -3.05
CA ALA F 19 -0.75 -18.99 -1.62
C ALA F 19 -0.87 -17.68 -0.87
N ALA F 20 -0.28 -16.63 -1.42
CA ALA F 20 -0.34 -15.31 -0.79
C ALA F 20 -1.76 -14.76 -0.87
N THR F 21 -2.47 -15.08 -1.96
CA THR F 21 -3.84 -14.62 -2.17
C THR F 21 -4.79 -15.29 -1.18
N VAL F 22 -4.56 -16.57 -0.89
CA VAL F 22 -5.39 -17.33 0.03
C VAL F 22 -5.23 -16.80 1.46
N ILE F 23 -4.07 -16.20 1.74
CA ILE F 23 -3.77 -15.66 3.07
C ILE F 23 -4.07 -14.14 3.20
N MET F 24 -3.60 -13.33 2.24
CA MET F 24 -3.83 -11.89 2.27
C MET F 24 -5.25 -11.57 1.84
N GLY F 25 -5.73 -12.28 0.82
CA GLY F 25 -7.06 -12.04 0.32
C GLY F 25 -6.94 -11.46 -1.08
N ALA F 26 -5.80 -10.84 -1.34
CA ALA F 26 -5.54 -10.25 -2.65
C ALA F 26 -4.08 -9.82 -2.77
N THR F 27 -3.67 -9.50 -3.99
CA THR F 27 -2.32 -9.03 -4.21
C THR F 27 -2.40 -7.89 -5.23
N GLU F 28 -1.35 -7.09 -5.28
CA GLU F 28 -1.27 -5.96 -6.18
C GLU F 28 0.18 -5.78 -6.69
N ASN F 29 0.31 -5.63 -8.00
CA ASN F 29 1.59 -5.41 -8.64
C ASN F 29 2.61 -6.54 -8.46
N ILE F 30 2.16 -7.77 -8.65
CA ILE F 30 3.02 -8.95 -8.58
C ILE F 30 2.90 -9.72 -9.88
N GLU F 31 4.02 -9.90 -10.58
CA GLU F 31 4.05 -10.64 -11.84
C GLU F 31 4.83 -11.94 -11.63
N THR F 32 4.39 -13.02 -12.25
CA THR F 32 5.08 -14.30 -12.13
C THR F 32 5.64 -14.76 -13.47
N VAL F 33 6.85 -15.30 -13.44
CA VAL F 33 7.53 -15.80 -14.63
C VAL F 33 7.86 -17.27 -14.39
N ASN F 34 7.72 -18.10 -15.43
CA ASN F 34 8.01 -19.53 -15.31
C ASN F 34 9.01 -20.04 -16.32
N LEU F 35 9.88 -20.96 -15.87
CA LEU F 35 10.86 -21.61 -16.73
C LEU F 35 10.43 -23.06 -16.71
N ASN F 36 9.83 -23.52 -17.81
CA ASN F 36 9.34 -24.90 -17.90
C ASN F 36 10.21 -25.87 -18.64
N SER F 37 9.85 -27.14 -18.53
CA SER F 37 10.56 -28.22 -19.21
C SER F 37 10.59 -27.88 -20.69
N GLY F 38 11.78 -27.87 -21.27
CA GLY F 38 11.88 -27.57 -22.68
C GLY F 38 12.08 -26.12 -23.05
N ASP F 39 11.80 -25.19 -22.14
CA ASP F 39 11.98 -23.77 -22.44
C ASP F 39 13.45 -23.45 -22.66
N ASP F 40 13.72 -22.45 -23.50
CA ASP F 40 15.10 -22.04 -23.78
C ASP F 40 15.45 -20.86 -22.87
N VAL F 41 16.43 -21.07 -21.99
CA VAL F 41 16.84 -20.03 -21.04
C VAL F 41 17.24 -18.73 -21.71
N GLN F 42 17.46 -18.75 -23.01
CA GLN F 42 17.81 -17.54 -23.72
C GLN F 42 16.61 -16.57 -23.76
N ALA F 43 15.39 -17.12 -23.74
CA ALA F 43 14.18 -16.30 -23.78
C ALA F 43 13.62 -15.99 -22.39
N LEU F 44 14.25 -16.53 -21.35
CA LEU F 44 13.80 -16.30 -19.98
C LEU F 44 14.13 -14.87 -19.60
N GLY F 45 15.29 -14.38 -20.01
CA GLY F 45 15.67 -13.02 -19.70
C GLY F 45 14.67 -12.00 -20.22
N GLY F 46 14.17 -12.23 -21.42
CA GLY F 46 13.20 -11.33 -21.99
C GLY F 46 11.93 -11.34 -21.18
N GLN F 47 11.52 -12.53 -20.76
CA GLN F 47 10.31 -12.65 -19.97
C GLN F 47 10.46 -11.94 -18.62
N ILE F 48 11.63 -12.07 -17.99
CA ILE F 48 11.88 -11.41 -16.71
C ILE F 48 11.88 -9.90 -16.91
N LYS F 49 12.63 -9.44 -17.92
CA LYS F 49 12.71 -8.01 -18.22
C LYS F 49 11.32 -7.40 -18.42
N THR F 50 10.45 -8.12 -19.12
CA THR F 50 9.10 -7.65 -19.39
C THR F 50 8.26 -7.59 -18.11
N ALA F 51 8.49 -8.55 -17.22
CA ALA F 51 7.78 -8.60 -15.95
C ALA F 51 8.19 -7.42 -15.10
N ILE F 52 9.50 -7.18 -15.04
CA ILE F 52 10.03 -6.08 -14.26
C ILE F 52 9.47 -4.77 -14.81
N GLU F 53 9.27 -4.70 -16.13
CA GLU F 53 8.73 -3.49 -16.71
C GLU F 53 7.26 -3.33 -16.36
N ASN F 54 6.51 -4.42 -16.36
CA ASN F 54 5.08 -4.35 -16.01
C ASN F 54 4.81 -3.94 -14.57
N VAL F 55 5.75 -4.15 -13.65
CA VAL F 55 5.51 -3.75 -12.25
C VAL F 55 6.30 -2.54 -11.77
N GLN F 56 7.21 -2.03 -12.59
CA GLN F 56 8.00 -0.85 -12.20
C GLN F 56 7.09 0.40 -12.13
N GLN F 57 7.16 1.10 -11.00
CA GLN F 57 6.38 2.30 -10.76
C GLN F 57 7.25 3.29 -9.99
N GLY F 58 8.57 3.17 -10.16
CA GLY F 58 9.50 4.06 -9.50
C GLY F 58 9.88 3.80 -8.05
N ASP F 59 9.37 2.74 -7.46
CA ASP F 59 9.69 2.42 -6.07
C ASP F 59 10.60 1.19 -6.03
N GLY F 60 11.01 0.75 -7.20
CA GLY F 60 11.89 -0.40 -7.28
C GLY F 60 11.15 -1.68 -7.59
N VAL F 61 11.91 -2.74 -7.79
CA VAL F 61 11.32 -4.04 -8.08
C VAL F 61 12.11 -5.14 -7.40
N LEU F 62 11.39 -5.95 -6.67
CA LEU F 62 11.97 -7.07 -5.97
C LEU F 62 11.70 -8.28 -6.88
N VAL F 63 12.77 -8.85 -7.41
CA VAL F 63 12.64 -10.03 -8.26
C VAL F 63 12.97 -11.22 -7.37
N MET F 64 11.97 -12.02 -7.04
CA MET F 64 12.18 -13.17 -6.16
C MET F 64 12.31 -14.44 -6.99
N VAL F 65 13.42 -15.13 -6.83
CA VAL F 65 13.64 -16.38 -7.56
C VAL F 65 13.78 -17.55 -6.62
N ASP F 66 13.54 -18.73 -7.15
CA ASP F 66 13.55 -19.98 -6.39
C ASP F 66 14.87 -20.57 -5.91
N LEU F 67 15.88 -20.66 -6.78
CA LEU F 67 17.18 -21.23 -6.40
C LEU F 67 18.33 -20.28 -6.67
N LEU F 68 19.29 -20.28 -5.77
CA LEU F 68 20.46 -19.45 -5.94
C LEU F 68 21.36 -20.06 -7.01
N SER F 69 21.76 -19.25 -7.98
CA SER F 69 22.63 -19.71 -9.07
C SER F 69 21.98 -20.57 -10.13
N ALA F 70 20.68 -20.83 -10.02
CA ALA F 70 19.96 -21.60 -11.02
C ALA F 70 19.59 -20.63 -12.14
N SER F 71 18.77 -21.08 -13.08
CA SER F 71 18.41 -20.24 -14.22
C SER F 71 17.65 -18.94 -13.93
N PRO F 72 16.55 -19.01 -13.17
CA PRO F 72 15.81 -17.76 -12.90
C PRO F 72 16.73 -16.68 -12.31
N TYR F 73 17.59 -17.09 -11.39
CA TYR F 73 18.55 -16.21 -10.75
C TYR F 73 19.56 -15.64 -11.73
N ASN F 74 20.29 -16.50 -12.43
CA ASN F 74 21.29 -16.01 -13.37
C ASN F 74 20.74 -15.04 -14.39
N GLN F 75 19.60 -15.39 -14.98
CA GLN F 75 18.97 -14.54 -16.00
C GLN F 75 18.44 -13.23 -15.44
N ALA F 76 17.91 -13.27 -14.22
CA ALA F 76 17.42 -12.05 -13.60
C ALA F 76 18.64 -11.16 -13.45
N VAL F 77 19.71 -11.72 -12.90
CA VAL F 77 20.95 -11.00 -12.67
C VAL F 77 21.57 -10.42 -13.93
N LEU F 78 21.59 -11.22 -14.99
CA LEU F 78 22.16 -10.75 -16.24
C LEU F 78 21.25 -9.73 -16.92
N VAL F 79 19.96 -9.78 -16.64
CA VAL F 79 19.04 -8.82 -17.23
C VAL F 79 19.27 -7.46 -16.58
N ILE F 80 19.26 -7.46 -15.25
CA ILE F 80 19.46 -6.24 -14.47
C ILE F 80 20.74 -5.57 -14.90
N ASN F 81 21.76 -6.39 -15.12
CA ASN F 81 23.07 -5.93 -15.54
C ASN F 81 23.02 -5.01 -16.77
N GLU F 82 22.03 -5.21 -17.63
CA GLU F 82 21.88 -4.39 -18.83
C GLU F 82 20.72 -3.42 -18.72
N LEU F 83 20.70 -2.63 -17.66
CA LEU F 83 19.64 -1.65 -17.46
C LEU F 83 20.25 -0.31 -17.11
N GLU F 84 19.40 0.71 -17.12
CA GLU F 84 19.82 2.07 -16.80
C GLU F 84 20.11 2.16 -15.32
N PRO F 85 21.31 2.65 -14.96
CA PRO F 85 21.76 2.79 -13.57
C PRO F 85 20.68 3.30 -12.64
N ALA F 86 19.70 4.02 -13.19
CA ALA F 86 18.60 4.53 -12.38
C ALA F 86 17.83 3.33 -11.85
N LEU F 87 17.38 2.48 -12.77
CA LEU F 87 16.64 1.28 -12.44
C LEU F 87 17.41 0.28 -11.58
N GLN F 88 18.48 -0.26 -12.15
CA GLN F 88 19.27 -1.27 -11.44
C GLN F 88 19.59 -1.00 -9.98
N LYS F 89 19.76 0.26 -9.62
CA LYS F 89 20.08 0.59 -8.24
C LYS F 89 18.89 0.31 -7.34
N LYS F 90 17.72 0.09 -7.93
CA LYS F 90 16.52 -0.20 -7.15
C LYS F 90 15.82 -1.51 -7.53
N ILE F 91 16.62 -2.49 -7.92
CA ILE F 91 16.15 -3.81 -8.28
C ILE F 91 17.01 -4.78 -7.48
N PHE F 92 16.37 -5.57 -6.64
CA PHE F 92 17.06 -6.56 -5.81
C PHE F 92 16.56 -7.95 -6.16
N VAL F 93 17.46 -8.92 -6.08
CA VAL F 93 17.12 -10.31 -6.38
C VAL F 93 17.22 -11.13 -5.11
N VAL F 94 16.12 -11.76 -4.71
CA VAL F 94 16.12 -12.59 -3.51
C VAL F 94 15.95 -14.05 -3.88
N SER F 95 16.80 -14.89 -3.32
CA SER F 95 16.80 -16.31 -3.61
C SER F 95 16.20 -17.21 -2.54
N GLY F 96 15.85 -18.41 -2.97
CA GLY F 96 15.27 -19.41 -2.08
C GLY F 96 14.00 -18.90 -1.48
N THR F 97 13.18 -18.22 -2.27
CA THR F 97 11.97 -17.66 -1.72
C THR F 97 10.94 -18.71 -1.30
N ASN F 98 10.31 -18.42 -0.16
CA ASN F 98 9.27 -19.26 0.42
C ASN F 98 8.09 -18.32 0.67
N LEU F 99 6.98 -18.86 1.18
CA LEU F 99 5.80 -18.03 1.42
C LEU F 99 6.06 -16.88 2.39
N PRO F 100 6.65 -17.16 3.56
CA PRO F 100 6.91 -16.07 4.51
C PRO F 100 7.57 -14.85 3.88
N MET F 101 8.50 -15.09 2.95
CA MET F 101 9.21 -14.03 2.27
C MET F 101 8.29 -13.21 1.35
N VAL F 102 7.40 -13.91 0.63
CA VAL F 102 6.46 -13.25 -0.27
C VAL F 102 5.49 -12.42 0.57
N LEU F 103 5.11 -12.93 1.72
CA LEU F 103 4.21 -12.19 2.60
C LEU F 103 4.91 -10.91 3.08
N GLU F 104 6.16 -11.07 3.52
CA GLU F 104 6.93 -9.93 3.99
C GLU F 104 7.04 -8.86 2.90
N ALA F 105 7.19 -9.30 1.65
CA ALA F 105 7.33 -8.39 0.52
C ALA F 105 6.08 -7.57 0.39
N ILE F 106 4.95 -8.24 0.45
CA ILE F 106 3.70 -7.55 0.33
C ILE F 106 3.55 -6.55 1.47
N ASN F 107 3.95 -6.94 2.67
CA ASN F 107 3.84 -6.01 3.78
C ASN F 107 4.57 -4.71 3.44
N HIS F 108 5.73 -4.85 2.80
CA HIS F 108 6.54 -3.71 2.39
C HIS F 108 5.97 -2.92 1.24
N GLN F 109 5.23 -3.59 0.35
CA GLN F 109 4.61 -2.88 -0.76
C GLN F 109 3.65 -1.89 -0.10
N LEU F 110 2.85 -2.40 0.84
CA LEU F 110 1.88 -1.61 1.58
C LEU F 110 2.51 -0.48 2.37
N LEU F 111 3.58 -0.77 3.09
CA LEU F 111 4.26 0.21 3.93
C LEU F 111 5.06 1.24 3.16
N GLY F 112 5.39 0.94 1.91
CA GLY F 112 6.17 1.86 1.11
C GLY F 112 7.65 1.86 1.51
N THR F 113 8.11 0.76 2.09
CA THR F 113 9.49 0.64 2.53
C THR F 113 10.49 0.67 1.37
N PRO F 114 11.54 1.49 1.50
CA PRO F 114 12.54 1.55 0.42
C PRO F 114 13.08 0.14 0.19
N ILE F 115 13.18 -0.27 -1.07
CA ILE F 115 13.59 -1.61 -1.40
C ILE F 115 14.88 -2.16 -0.76
N ALA F 116 15.96 -1.40 -0.81
CA ALA F 116 17.21 -1.86 -0.23
C ALA F 116 16.97 -2.36 1.18
N GLU F 117 16.16 -1.61 1.91
CA GLU F 117 15.83 -1.95 3.28
C GLU F 117 14.82 -3.11 3.31
N ALA F 118 13.97 -3.17 2.30
CA ALA F 118 12.95 -4.21 2.22
C ALA F 118 13.59 -5.57 1.98
N ALA F 119 14.58 -5.60 1.11
CA ALA F 119 15.28 -6.82 0.77
C ALA F 119 15.94 -7.41 2.01
N GLN F 120 16.54 -6.55 2.84
CA GLN F 120 17.19 -7.02 4.05
C GLN F 120 16.21 -7.66 5.01
N ALA F 121 15.05 -7.01 5.18
CA ALA F 121 14.02 -7.51 6.08
C ALA F 121 13.48 -8.83 5.57
N ILE F 122 13.50 -8.98 4.24
CA ILE F 122 13.00 -10.20 3.64
C ILE F 122 13.94 -11.40 3.80
N VAL F 123 15.23 -11.27 3.50
CA VAL F 123 16.03 -12.47 3.68
C VAL F 123 16.13 -12.84 5.16
N ALA F 124 16.16 -11.84 6.03
CA ALA F 124 16.24 -12.10 7.47
C ALA F 124 14.98 -12.86 7.90
N GLN F 125 13.83 -12.42 7.37
CA GLN F 125 12.57 -13.09 7.71
C GLN F 125 12.50 -14.48 7.09
N GLY F 126 13.12 -14.64 5.92
CA GLY F 126 13.12 -15.93 5.25
C GLY F 126 13.89 -16.98 6.01
N LYS F 127 15.05 -16.59 6.55
CA LYS F 127 15.90 -17.47 7.33
C LYS F 127 15.25 -17.91 8.63
N GLU F 128 14.60 -16.99 9.33
CA GLU F 128 13.97 -17.31 10.59
C GLU F 128 12.80 -18.29 10.42
N SER F 129 12.08 -18.18 9.31
CA SER F 129 10.92 -19.02 9.02
C SER F 129 11.22 -20.50 8.76
N VAL F 130 12.49 -20.80 8.45
CA VAL F 130 12.92 -22.15 8.15
C VAL F 130 13.34 -22.91 9.40
N GLN F 131 12.57 -23.93 9.75
CA GLN F 131 12.87 -24.72 10.92
C GLN F 131 12.16 -26.06 10.87
N ALA F 132 12.47 -26.92 11.83
CA ALA F 132 11.86 -28.24 11.89
C ALA F 132 11.36 -28.60 13.28
N TRP F 133 10.32 -29.41 13.34
CA TRP F 133 9.73 -29.86 14.59
C TRP F 133 9.53 -31.39 14.50
N ASP F 134 9.55 -32.06 15.65
CA ASP F 134 9.32 -33.50 15.70
C ASP F 134 8.78 -33.74 17.11
N ILE F 135 7.95 -34.76 17.26
CA ILE F 135 7.33 -35.06 18.56
C ILE F 135 8.23 -34.88 19.79
N SER F 136 9.49 -35.29 19.70
CA SER F 136 10.45 -35.18 20.80
C SER F 136 10.89 -33.75 21.03
N MET F 137 10.05 -32.80 20.65
CA MET F 137 10.35 -31.38 20.79
C MET F 137 9.11 -30.72 21.38
N THR F 138 7.95 -31.31 21.08
CA THR F 138 6.68 -30.83 21.58
C THR F 138 6.53 -31.42 22.99
N SER F 139 7.11 -32.61 23.17
CA SER F 139 7.09 -33.32 24.45
C SER F 139 8.25 -32.84 25.30
N PHE F 140 7.97 -31.85 26.13
CA PHE F 140 8.97 -31.27 27.03
C PHE F 140 9.63 -32.33 27.93
CA CA G . -14.13 12.16 -0.96
CA CA H . -22.98 15.07 -21.04
CA CA I . -24.54 16.16 -34.17
CA CA J . 4.56 45.35 1.20
CA CA K . 21.51 33.95 8.82
CA CA L . 12.48 26.19 27.45
CA CA M . -9.46 15.11 28.21
CA CA N . -2.48 -33.92 -4.27
CA CA O . 17.24 -22.53 -28.83
CA CA P . 2.50 -15.16 -14.99
#